data_4Z88
#
_entry.id   4Z88
#
_cell.length_a   108.280
_cell.length_b   62.420
_cell.length_c   163.640
_cell.angle_alpha   90.00
_cell.angle_beta   90.27
_cell.angle_gamma   90.00
#
_symmetry.space_group_name_H-M   'C 1 2 1'
#
loop_
_entity.id
_entity.type
_entity.pdbx_description
1 polymer 'RIM-binding protein, isoform F'
2 polymer 'JNK-interacting protein 1'
3 non-polymer 'PHOSPHATE ION'
4 water water
#
loop_
_entity_poly.entity_id
_entity_poly.type
_entity_poly.pdbx_seq_one_letter_code
_entity_poly.pdbx_strand_id
1 'polypeptide(L)' GPLGSPEFRYFVAMFDYDPSTMSPNPDGCDEELPFQEGDTIKVFGDKDADGFYWGELRGRRGYVPHNMVSEVE A,B,C,D,E,F,G,H,I,J,K,L
2 'polypeptide(L)' (ACE)TRRRRKLPEIPKNKK(NH2) M,N,O,P,Q,R,S,T,U,V,W,X
#
# COMPACT_ATOMS: atom_id res chain seq x y z
N ARG A 9 4.53 15.07 2.20
CA ARG A 9 3.42 14.66 1.30
C ARG A 9 2.04 14.61 2.05
N TYR A 10 1.81 15.49 3.03
CA TYR A 10 0.57 15.47 3.81
C TYR A 10 -0.34 16.64 3.43
N PHE A 11 -1.63 16.34 3.31
CA PHE A 11 -2.67 17.34 3.03
C PHE A 11 -3.78 17.20 4.07
N VAL A 12 -4.40 18.31 4.42
CA VAL A 12 -5.51 18.32 5.38
C VAL A 12 -6.80 18.66 4.67
N ALA A 13 -7.83 17.85 4.91
CA ALA A 13 -9.15 18.08 4.33
C ALA A 13 -9.79 19.31 4.98
N MET A 14 -10.21 20.25 4.14
CA MET A 14 -10.87 21.46 4.61
C MET A 14 -12.38 21.28 4.69
N PHE A 15 -12.91 20.29 3.97
CA PHE A 15 -14.34 19.97 3.97
C PHE A 15 -14.56 18.46 4.02
N ASP A 16 -15.78 18.07 4.37
CA ASP A 16 -16.21 16.67 4.23
C ASP A 16 -16.39 16.37 2.75
N TYR A 17 -16.01 15.16 2.34
CA TYR A 17 -16.25 14.73 0.97
C TYR A 17 -16.72 13.26 0.93
N ASP A 18 -17.97 13.09 0.53
CA ASP A 18 -18.59 11.78 0.35
C ASP A 18 -18.84 11.58 -1.16
N PRO A 19 -17.92 10.90 -1.86
CA PRO A 19 -18.05 10.75 -3.32
C PRO A 19 -19.35 10.11 -3.78
N SER A 20 -19.90 9.18 -2.99
CA SER A 20 -21.14 8.51 -3.35
C SER A 20 -22.29 9.49 -3.58
N THR A 21 -22.38 10.53 -2.75
CA THR A 21 -23.42 11.56 -2.88
C THR A 21 -22.94 12.89 -3.47
N MET A 22 -21.62 13.14 -3.46
CA MET A 22 -21.08 14.46 -3.83
C MET A 22 -20.23 14.48 -5.12
N SER A 23 -19.74 13.33 -5.58
CA SER A 23 -18.90 13.30 -6.78
C SER A 23 -19.72 13.58 -8.04
N PRO A 24 -19.18 14.43 -8.95
CA PRO A 24 -19.78 14.68 -10.25
C PRO A 24 -19.41 13.62 -11.29
N ASN A 25 -18.57 12.67 -10.89
CA ASN A 25 -18.07 11.63 -11.78
C ASN A 25 -18.82 10.32 -11.54
N PRO A 26 -19.16 9.59 -12.63
CA PRO A 26 -19.94 8.35 -12.52
C PRO A 26 -19.20 7.21 -11.79
N ASP A 27 -17.87 7.23 -11.84
CA ASP A 27 -17.04 6.24 -11.15
C ASP A 27 -16.48 6.80 -9.83
N GLY A 28 -17.07 7.88 -9.33
CA GLY A 28 -16.54 8.61 -8.18
C GLY A 28 -16.40 7.78 -6.91
N CYS A 29 -17.45 7.04 -6.58
CA CYS A 29 -17.44 6.20 -5.40
C CYS A 29 -16.26 5.21 -5.41
N ASP A 30 -16.09 4.50 -6.53
CA ASP A 30 -15.06 3.47 -6.65
C ASP A 30 -13.64 4.01 -6.74
N GLU A 31 -13.46 5.23 -7.24
CA GLU A 31 -12.11 5.74 -7.55
C GLU A 31 -11.63 6.88 -6.65
N GLU A 32 -12.55 7.58 -5.99
CA GLU A 32 -12.19 8.77 -5.21
C GLU A 32 -12.29 8.46 -3.73
N LEU A 33 -11.36 9.01 -2.96
CA LEU A 33 -11.32 8.82 -1.51
C LEU A 33 -12.40 9.60 -0.78
N PRO A 34 -13.12 8.93 0.14
CA PRO A 34 -13.98 9.65 1.06
C PRO A 34 -13.16 10.16 2.25
N PHE A 35 -13.47 11.37 2.71
CA PHE A 35 -12.83 11.92 3.88
C PHE A 35 -13.76 12.92 4.57
N GLN A 36 -13.47 13.21 5.84
CA GLN A 36 -14.16 14.26 6.57
C GLN A 36 -13.16 15.37 6.88
N GLU A 37 -13.69 16.56 7.16
CA GLU A 37 -12.86 17.72 7.49
C GLU A 37 -11.86 17.37 8.61
N GLY A 38 -10.63 17.82 8.44
CA GLY A 38 -9.58 17.57 9.43
C GLY A 38 -8.82 16.26 9.24
N ASP A 39 -9.29 15.39 8.36
CA ASP A 39 -8.53 14.18 8.02
C ASP A 39 -7.22 14.57 7.36
N THR A 40 -6.17 13.81 7.66
CA THR A 40 -4.85 14.04 7.06
C THR A 40 -4.60 12.95 6.03
N ILE A 41 -4.27 13.37 4.81
CA ILE A 41 -4.18 12.46 3.67
C ILE A 41 -2.75 12.41 3.15
N LYS A 42 -2.28 11.19 2.85
CA LYS A 42 -0.94 10.97 2.31
C LYS A 42 -1.00 11.09 0.80
N VAL A 43 -0.29 12.06 0.23
CA VAL A 43 -0.26 12.26 -1.22
C VAL A 43 1.07 11.82 -1.81
N PHE A 44 1.00 11.14 -2.96
CA PHE A 44 2.17 10.68 -3.69
C PHE A 44 2.24 11.39 -5.04
N GLY A 45 3.40 11.97 -5.36
CA GLY A 45 3.57 12.70 -6.61
C GLY A 45 2.81 14.02 -6.59
N ASP A 46 2.46 14.50 -7.78
CA ASP A 46 1.82 15.80 -7.92
C ASP A 46 0.42 15.69 -8.48
N LYS A 47 -0.31 16.80 -8.45
CA LYS A 47 -1.69 16.83 -8.90
C LYS A 47 -1.75 16.73 -10.42
N ASP A 48 -2.69 15.95 -10.93
CA ASP A 48 -2.80 15.67 -12.36
CA ASP A 48 -2.81 15.69 -12.37
C ASP A 48 -3.49 16.83 -13.08
N ALA A 49 -3.60 16.70 -14.41
CA ALA A 49 -4.24 17.71 -15.25
C ALA A 49 -5.69 17.99 -14.86
N ASP A 50 -6.38 16.97 -14.33
CA ASP A 50 -7.77 17.11 -13.90
C ASP A 50 -7.91 17.85 -12.57
N GLY A 51 -6.80 18.02 -11.85
CA GLY A 51 -6.78 18.71 -10.56
C GLY A 51 -6.90 17.78 -9.36
N PHE A 52 -6.57 16.50 -9.56
CA PHE A 52 -6.69 15.47 -8.53
C PHE A 52 -5.33 14.95 -8.07
N TYR A 53 -5.16 14.84 -6.76
CA TYR A 53 -4.01 14.16 -6.17
C TYR A 53 -4.30 12.66 -6.06
N TRP A 54 -3.27 11.85 -6.18
CA TRP A 54 -3.36 10.43 -5.82
C TRP A 54 -2.98 10.31 -4.35
N GLY A 55 -3.90 9.84 -3.52
CA GLY A 55 -3.70 9.87 -2.07
C GLY A 55 -4.05 8.59 -1.32
N GLU A 56 -3.69 8.55 -0.04
CA GLU A 56 -3.98 7.40 0.82
C GLU A 56 -4.57 7.82 2.17
N LEU A 57 -5.63 7.14 2.58
CA LEU A 57 -6.30 7.38 3.85
C LEU A 57 -6.95 6.10 4.36
N ARG A 58 -6.64 5.75 5.61
CA ARG A 58 -7.21 4.58 6.28
C ARG A 58 -7.13 3.30 5.43
N GLY A 59 -5.92 2.96 4.99
CA GLY A 59 -5.64 1.72 4.26
C GLY A 59 -6.17 1.65 2.83
N ARG A 60 -6.55 2.80 2.28
CA ARG A 60 -7.17 2.85 0.95
C ARG A 60 -6.53 3.98 0.14
N ARG A 61 -6.36 3.75 -1.15
CA ARG A 61 -5.84 4.77 -2.06
C ARG A 61 -6.90 5.18 -3.07
N GLY A 62 -6.81 6.42 -3.54
CA GLY A 62 -7.79 6.95 -4.47
C GLY A 62 -7.52 8.40 -4.83
N TYR A 63 -8.31 8.92 -5.77
CA TYR A 63 -8.16 10.29 -6.22
C TYR A 63 -8.73 11.26 -5.18
N VAL A 64 -8.05 12.38 -5.03
CA VAL A 64 -8.39 13.40 -4.06
C VAL A 64 -8.42 14.75 -4.77
N PRO A 65 -9.55 15.46 -4.72
CA PRO A 65 -9.64 16.76 -5.39
C PRO A 65 -8.86 17.84 -4.65
N HIS A 66 -8.05 18.59 -5.38
CA HIS A 66 -7.15 19.58 -4.79
C HIS A 66 -7.91 20.71 -4.08
N ASN A 67 -9.06 21.07 -4.62
CA ASN A 67 -9.87 22.17 -4.05
C ASN A 67 -10.53 21.86 -2.71
N MET A 68 -10.48 20.61 -2.27
CA MET A 68 -11.05 20.20 -0.99
C MET A 68 -9.99 20.06 0.11
N VAL A 69 -8.71 20.18 -0.25
CA VAL A 69 -7.61 19.89 0.67
C VAL A 69 -6.54 20.98 0.64
N SER A 70 -5.77 21.06 1.72
CA SER A 70 -4.71 22.07 1.85
C SER A 70 -3.39 21.40 2.26
N GLU A 71 -2.31 21.74 1.57
CA GLU A 71 -0.99 21.16 1.83
C GLU A 71 -0.49 21.65 3.18
N VAL A 72 0.30 20.82 3.84
CA VAL A 72 0.79 21.12 5.17
C VAL A 72 2.13 21.79 4.98
N GLU A 73 2.28 22.94 5.62
CA GLU A 73 3.08 24.03 5.12
C GLU A 73 3.85 24.70 6.25
N PHE B 8 -29.99 5.04 19.67
CA PHE B 8 -29.36 4.10 18.69
C PHE B 8 -28.62 2.98 19.36
N ARG B 9 -28.03 2.11 18.55
CA ARG B 9 -27.02 1.23 19.12
C ARG B 9 -25.71 1.18 18.38
N TYR B 10 -24.73 0.63 19.09
CA TYR B 10 -23.38 0.55 18.58
C TYR B 10 -23.01 -0.88 18.21
N PHE B 11 -22.32 -0.99 17.07
CA PHE B 11 -21.77 -2.24 16.57
C PHE B 11 -20.30 -2.02 16.28
N VAL B 12 -19.50 -3.06 16.49
CA VAL B 12 -18.07 -3.00 16.23
C VAL B 12 -17.74 -3.88 15.02
N ALA B 13 -16.99 -3.31 14.07
CA ALA B 13 -16.54 -4.06 12.90
C ALA B 13 -15.50 -5.10 13.31
N MET B 14 -15.74 -6.34 12.91
CA MET B 14 -14.82 -7.44 13.20
C MET B 14 -13.81 -7.64 12.07
N PHE B 15 -14.15 -7.13 10.89
CA PHE B 15 -13.26 -7.20 9.72
C PHE B 15 -13.26 -5.86 8.97
N ASP B 16 -12.24 -5.68 8.12
CA ASP B 16 -12.22 -4.57 7.17
C ASP B 16 -13.27 -4.86 6.09
N TYR B 17 -13.97 -3.82 5.64
CA TYR B 17 -14.90 -3.96 4.53
C TYR B 17 -14.80 -2.78 3.56
N ASP B 18 -14.33 -3.08 2.35
CA ASP B 18 -14.22 -2.11 1.28
C ASP B 18 -15.20 -2.51 0.18
N PRO B 19 -16.41 -1.89 0.15
CA PRO B 19 -17.45 -2.32 -0.79
C PRO B 19 -17.03 -2.24 -2.26
N SER B 20 -16.18 -1.27 -2.60
CA SER B 20 -15.73 -1.09 -3.98
C SER B 20 -15.05 -2.34 -4.53
N THR B 21 -14.25 -3.02 -3.70
CA THR B 21 -13.56 -4.25 -4.10
C THR B 21 -14.16 -5.54 -3.52
N MET B 22 -14.97 -5.42 -2.47
CA MET B 22 -15.46 -6.61 -1.74
C MET B 22 -16.97 -6.87 -1.83
N SER B 23 -17.78 -5.87 -2.21
CA SER B 23 -19.23 -6.06 -2.27
C SER B 23 -19.62 -6.96 -3.43
N PRO B 24 -20.55 -7.92 -3.19
CA PRO B 24 -21.12 -8.74 -4.24
C PRO B 24 -22.27 -8.06 -4.98
N ASN B 25 -22.62 -6.86 -4.55
CA ASN B 25 -23.72 -6.09 -5.12
C ASN B 25 -23.20 -5.03 -6.08
N PRO B 26 -23.88 -4.84 -7.23
CA PRO B 26 -23.45 -3.87 -8.24
C PRO B 26 -23.50 -2.39 -7.77
N ASP B 27 -24.39 -2.10 -6.84
CA ASP B 27 -24.51 -0.75 -6.25
C ASP B 27 -23.82 -0.65 -4.89
N GLY B 28 -22.93 -1.60 -4.59
CA GLY B 28 -22.33 -1.73 -3.26
C GLY B 28 -21.56 -0.50 -2.80
N CYS B 29 -20.71 0.04 -3.67
CA CYS B 29 -19.93 1.23 -3.36
C CYS B 29 -20.83 2.40 -2.91
N ASP B 30 -21.86 2.68 -3.71
CA ASP B 30 -22.75 3.82 -3.47
C ASP B 30 -23.68 3.66 -2.28
N GLU B 31 -24.03 2.42 -1.93
CA GLU B 31 -25.06 2.19 -0.91
C GLU B 31 -24.56 1.58 0.42
N GLU B 32 -23.39 0.95 0.40
CA GLU B 32 -22.87 0.25 1.58
C GLU B 32 -21.71 1.01 2.21
N LEU B 33 -21.67 1.02 3.53
CA LEU B 33 -20.63 1.71 4.28
C LEU B 33 -19.29 0.99 4.24
N PRO B 34 -18.21 1.74 3.94
CA PRO B 34 -16.88 1.20 4.13
C PRO B 34 -16.44 1.37 5.58
N PHE B 35 -15.76 0.36 6.11
CA PHE B 35 -15.21 0.44 7.46
C PHE B 35 -13.99 -0.47 7.59
N GLN B 36 -13.18 -0.20 8.60
CA GLN B 36 -12.05 -1.08 8.95
C GLN B 36 -12.33 -1.71 10.30
N GLU B 37 -11.65 -2.82 10.57
CA GLU B 37 -11.81 -3.55 11.82
C GLU B 37 -11.63 -2.60 13.01
N GLY B 38 -12.50 -2.75 14.00
CA GLY B 38 -12.45 -1.93 15.21
C GLY B 38 -13.24 -0.62 15.12
N ASP B 39 -13.71 -0.26 13.92
CA ASP B 39 -14.59 0.90 13.78
C ASP B 39 -15.88 0.64 14.53
N THR B 40 -16.43 1.69 15.14
CA THR B 40 -17.69 1.62 15.86
C THR B 40 -18.76 2.30 15.02
N ILE B 41 -19.84 1.58 14.76
CA ILE B 41 -20.87 2.02 13.84
C ILE B 41 -22.19 2.25 14.57
N LYS B 42 -22.85 3.34 14.23
CA LYS B 42 -24.15 3.69 14.81
C LYS B 42 -25.24 3.05 13.98
N VAL B 43 -26.01 2.15 14.59
CA VAL B 43 -27.11 1.47 13.89
C VAL B 43 -28.47 1.97 14.36
N PHE B 44 -29.37 2.18 13.40
CA PHE B 44 -30.72 2.65 13.66
C PHE B 44 -31.71 1.57 13.24
N GLY B 45 -32.63 1.23 14.14
CA GLY B 45 -33.61 0.18 13.87
C GLY B 45 -32.97 -1.20 13.86
N ASP B 46 -33.58 -2.13 13.15
CA ASP B 46 -33.14 -3.52 13.13
C ASP B 46 -32.66 -3.97 11.75
N LYS B 47 -32.05 -5.17 11.68
CA LYS B 47 -31.50 -5.71 10.40
C LYS B 47 -32.68 -6.04 9.53
N ASP B 48 -32.53 -5.76 8.25
CA ASP B 48 -33.56 -6.05 7.27
C ASP B 48 -33.54 -7.53 6.84
N ALA B 49 -34.47 -7.91 5.98
CA ALA B 49 -34.58 -9.30 5.50
C ALA B 49 -33.32 -9.79 4.78
N ASP B 50 -32.59 -8.86 4.16
CA ASP B 50 -31.34 -9.19 3.46
C ASP B 50 -30.18 -9.43 4.41
N GLY B 51 -30.33 -9.05 5.68
CA GLY B 51 -29.29 -9.22 6.69
C GLY B 51 -28.40 -7.99 6.85
N PHE B 52 -28.92 -6.82 6.45
CA PHE B 52 -28.17 -5.57 6.52
C PHE B 52 -28.75 -4.60 7.53
N TYR B 53 -27.87 -3.99 8.32
CA TYR B 53 -28.25 -2.90 9.20
C TYR B 53 -28.14 -1.58 8.44
N TRP B 54 -28.99 -0.62 8.79
CA TRP B 54 -28.83 0.76 8.34
C TRP B 54 -27.97 1.47 9.38
N GLY B 55 -26.79 1.95 8.98
CA GLY B 55 -25.82 2.48 9.93
C GLY B 55 -25.20 3.82 9.57
N GLU B 56 -24.47 4.40 10.52
CA GLU B 56 -23.74 5.65 10.31
C GLU B 56 -22.29 5.59 10.81
N LEU B 57 -21.39 6.10 9.98
CA LEU B 57 -19.97 6.15 10.29
C LEU B 57 -19.32 7.34 9.57
N ARG B 58 -18.61 8.17 10.34
CA ARG B 58 -17.87 9.31 9.80
C ARG B 58 -18.71 10.18 8.87
N GLY B 59 -19.86 10.63 9.37
CA GLY B 59 -20.73 11.56 8.64
C GLY B 59 -21.48 10.99 7.45
N ARG B 60 -21.51 9.67 7.33
CA ARG B 60 -22.12 8.99 6.17
C ARG B 60 -23.01 7.85 6.66
N ARG B 61 -24.12 7.66 5.97
CA ARG B 61 -25.03 6.56 6.29
C ARG B 61 -25.07 5.57 5.13
N GLY B 62 -25.34 4.32 5.45
CA GLY B 62 -25.36 3.26 4.44
C GLY B 62 -25.63 1.90 5.03
N TYR B 63 -25.78 0.92 4.15
CA TYR B 63 -26.05 -0.46 4.58
C TYR B 63 -24.79 -1.11 5.13
N VAL B 64 -24.99 -1.92 6.17
CA VAL B 64 -23.91 -2.58 6.89
C VAL B 64 -24.28 -4.05 7.03
N PRO B 65 -23.43 -4.96 6.53
CA PRO B 65 -23.73 -6.39 6.62
C PRO B 65 -23.54 -6.91 8.05
N HIS B 66 -24.54 -7.64 8.54
CA HIS B 66 -24.55 -8.10 9.93
C HIS B 66 -23.39 -9.05 10.24
N ASN B 67 -23.02 -9.85 9.24
CA ASN B 67 -21.95 -10.85 9.42
C ASN B 67 -20.53 -10.27 9.55
N MET B 68 -20.38 -8.96 9.33
CA MET B 68 -19.09 -8.28 9.46
C MET B 68 -18.97 -7.51 10.78
N VAL B 69 -20.05 -7.44 11.55
CA VAL B 69 -20.09 -6.59 12.74
C VAL B 69 -20.68 -7.33 13.95
N SER B 70 -20.35 -6.83 15.15
CA SER B 70 -20.81 -7.42 16.41
C SER B 70 -21.40 -6.36 17.33
N GLU B 71 -22.57 -6.63 17.91
CA GLU B 71 -23.33 -5.64 18.72
C GLU B 71 -22.96 -5.03 20.08
N VAL B 72 -21.80 -5.30 20.64
CA VAL B 72 -21.42 -4.62 21.89
C VAL B 72 -22.21 -5.11 23.12
N GLU B 73 -23.54 -5.06 23.03
CA GLU B 73 -24.43 -5.29 24.16
C GLU B 73 -25.41 -6.43 23.85
N PHE C 8 1.90 -14.76 -27.54
CA PHE C 8 0.56 -14.99 -26.88
C PHE C 8 -0.10 -16.27 -27.43
N ARG C 9 -1.27 -16.55 -26.90
CA ARG C 9 -2.11 -17.66 -27.34
C ARG C 9 -3.42 -17.17 -27.94
N TYR C 10 -3.94 -17.94 -28.91
CA TYR C 10 -5.23 -17.63 -29.52
C TYR C 10 -6.27 -18.63 -29.03
N PHE C 11 -7.45 -18.10 -28.70
CA PHE C 11 -8.60 -18.89 -28.27
C PHE C 11 -9.80 -18.50 -29.12
N VAL C 12 -10.68 -19.47 -29.39
CA VAL C 12 -11.88 -19.22 -30.18
C VAL C 12 -13.10 -19.34 -29.28
N ALA C 13 -13.99 -18.35 -29.36
CA ALA C 13 -15.22 -18.36 -28.59
C ALA C 13 -16.16 -19.41 -29.16
N MET C 14 -16.64 -20.28 -28.28
CA MET C 14 -17.58 -21.34 -28.66
C MET C 14 -19.03 -20.88 -28.50
N PHE C 15 -19.24 -19.85 -27.68
CA PHE C 15 -20.58 -19.27 -27.47
C PHE C 15 -20.51 -17.73 -27.47
N ASP C 16 -21.66 -17.10 -27.63
CA ASP C 16 -21.79 -15.65 -27.43
C ASP C 16 -21.70 -15.38 -25.93
N TYR C 17 -21.04 -14.27 -25.55
CA TYR C 17 -20.98 -13.86 -24.16
C TYR C 17 -21.14 -12.35 -24.02
N ASP C 18 -22.27 -11.96 -23.43
CA ASP C 18 -22.59 -10.56 -23.14
C ASP C 18 -22.58 -10.38 -21.63
N PRO C 19 -21.46 -9.90 -21.05
CA PRO C 19 -21.36 -9.80 -19.60
C PRO C 19 -22.43 -8.93 -18.94
N SER C 20 -22.89 -7.90 -19.63
CA SER C 20 -23.93 -7.01 -19.08
C SER C 20 -25.20 -7.77 -18.69
N THR C 21 -25.59 -8.74 -19.51
CA THR C 21 -26.79 -9.56 -19.24
C THR C 21 -26.50 -10.98 -18.74
N MET C 22 -25.27 -11.47 -18.95
CA MET C 22 -24.93 -12.88 -18.68
C MET C 22 -23.94 -13.12 -17.53
N SER C 23 -23.18 -12.10 -17.14
CA SER C 23 -22.19 -12.29 -16.08
C SER C 23 -22.85 -12.47 -14.72
N PRO C 24 -22.37 -13.45 -13.93
CA PRO C 24 -22.81 -13.64 -12.54
C PRO C 24 -22.10 -12.71 -11.55
N ASN C 25 -21.17 -11.90 -12.06
CA ASN C 25 -20.36 -11.01 -11.23
C ASN C 25 -20.87 -9.57 -11.34
N PRO C 26 -20.89 -8.85 -10.21
CA PRO C 26 -21.40 -7.48 -10.16
C PRO C 26 -20.57 -6.47 -10.98
N ASP C 27 -19.28 -6.74 -11.13
CA ASP C 27 -18.38 -5.91 -11.93
C ASP C 27 -18.13 -6.51 -13.32
N GLY C 28 -18.99 -7.43 -13.75
CA GLY C 28 -18.78 -8.20 -14.98
C GLY C 28 -18.67 -7.34 -16.24
N CYS C 29 -19.59 -6.41 -16.40
CA CYS C 29 -19.59 -5.52 -17.56
C CYS C 29 -18.27 -4.77 -17.71
N ASP C 30 -17.81 -4.16 -16.62
CA ASP C 30 -16.59 -3.35 -16.63
C ASP C 30 -15.29 -4.15 -16.76
N GLU C 31 -15.29 -5.41 -16.33
CA GLU C 31 -14.03 -6.18 -16.23
C GLU C 31 -13.91 -7.36 -17.20
N GLU C 32 -15.03 -7.85 -17.72
CA GLU C 32 -15.03 -9.04 -18.57
C GLU C 32 -15.28 -8.67 -20.02
N LEU C 33 -14.59 -9.36 -20.92
CA LEU C 33 -14.71 -9.11 -22.36
C LEU C 33 -16.01 -9.65 -22.93
N PRO C 34 -16.71 -8.81 -23.72
CA PRO C 34 -17.82 -9.33 -24.51
C PRO C 34 -17.29 -9.92 -25.81
N PHE C 35 -17.90 -11.02 -26.24
CA PHE C 35 -17.56 -11.63 -27.51
C PHE C 35 -18.72 -12.42 -28.04
N GLN C 36 -18.65 -12.73 -29.32
CA GLN C 36 -19.60 -13.59 -29.96
C GLN C 36 -18.94 -14.86 -30.41
N GLU C 37 -19.72 -15.90 -30.67
CA GLU C 37 -19.20 -17.17 -31.15
C GLU C 37 -18.34 -16.97 -32.40
N GLY C 38 -17.20 -17.65 -32.43
CA GLY C 38 -16.29 -17.56 -33.56
C GLY C 38 -15.27 -16.42 -33.48
N ASP C 39 -15.43 -15.51 -32.51
CA ASP C 39 -14.42 -14.49 -32.28
C ASP C 39 -13.12 -15.14 -31.82
N THR C 40 -12.00 -14.57 -32.26
CA THR C 40 -10.67 -15.07 -31.88
C THR C 40 -10.08 -14.10 -30.88
N ILE C 41 -9.66 -14.62 -29.73
CA ILE C 41 -9.22 -13.80 -28.60
C ILE C 41 -7.74 -14.04 -28.30
N LYS C 42 -7.03 -12.95 -28.05
CA LYS C 42 -5.59 -13.01 -27.71
C LYS C 42 -5.47 -13.16 -26.21
N VAL C 43 -4.88 -14.28 -25.77
CA VAL C 43 -4.69 -14.55 -24.34
C VAL C 43 -3.22 -14.39 -23.95
N PHE C 44 -2.99 -13.76 -22.79
CA PHE C 44 -1.65 -13.55 -22.23
C PHE C 44 -1.54 -14.31 -20.92
N GLY C 45 -0.47 -15.11 -20.79
CA GLY C 45 -0.27 -15.91 -19.59
C GLY C 45 -1.27 -17.05 -19.51
N ASP C 46 -1.54 -17.51 -18.29
CA ASP C 46 -2.39 -18.68 -18.08
C ASP C 46 -3.65 -18.32 -17.32
N LYS C 47 -4.57 -19.27 -17.26
CA LYS C 47 -5.85 -19.07 -16.61
C LYS C 47 -5.66 -19.02 -15.09
N ASP C 48 -6.37 -18.09 -14.44
CA ASP C 48 -6.20 -17.85 -12.99
C ASP C 48 -7.00 -18.87 -12.19
N ALA C 49 -6.89 -18.79 -10.87
CA ALA C 49 -7.58 -19.71 -9.96
C ALA C 49 -9.10 -19.69 -10.13
N ASP C 50 -9.64 -18.55 -10.53
CA ASP C 50 -11.08 -18.39 -10.75
C ASP C 50 -11.55 -19.04 -12.07
N GLY C 51 -10.61 -19.37 -12.95
CA GLY C 51 -10.91 -20.02 -14.23
C GLY C 51 -11.02 -19.03 -15.38
N PHE C 52 -10.42 -17.85 -15.21
CA PHE C 52 -10.49 -16.78 -16.21
C PHE C 52 -9.14 -16.50 -16.84
N TYR C 53 -9.14 -16.37 -18.17
CA TYR C 53 -7.97 -15.91 -18.92
C TYR C 53 -7.99 -14.38 -18.97
N TRP C 54 -6.81 -13.77 -19.01
CA TRP C 54 -6.68 -12.36 -19.32
C TRP C 54 -6.50 -12.25 -20.82
N GLY C 55 -7.42 -11.58 -21.50
CA GLY C 55 -7.45 -11.58 -22.97
C GLY C 55 -7.65 -10.23 -23.64
N GLU C 56 -7.47 -10.20 -24.96
CA GLU C 56 -7.65 -8.99 -25.75
C GLU C 56 -8.50 -9.23 -27.01
N LEU C 57 -9.46 -8.34 -27.24
CA LEU C 57 -10.34 -8.41 -28.40
C LEU C 57 -10.81 -7.00 -28.79
N ARG C 58 -10.62 -6.67 -30.06
CA ARG C 58 -11.04 -5.37 -30.62
C ARG C 58 -10.60 -4.19 -29.77
N GLY C 59 -9.29 -4.11 -29.51
CA GLY C 59 -8.68 -2.97 -28.82
C GLY C 59 -8.97 -2.86 -27.33
N ARG C 60 -9.49 -3.92 -26.75
CA ARG C 60 -9.90 -3.93 -25.34
C ARG C 60 -9.38 -5.19 -24.66
N ARG C 61 -8.98 -5.05 -23.39
CA ARG C 61 -8.54 -6.18 -22.58
C ARG C 61 -9.51 -6.42 -21.44
N GLY C 62 -9.59 -7.68 -21.00
CA GLY C 62 -10.50 -8.04 -19.94
C GLY C 62 -10.47 -9.54 -19.66
N TYR C 63 -11.20 -9.93 -18.61
CA TYR C 63 -11.26 -11.33 -18.21
C TYR C 63 -12.15 -12.12 -19.15
N VAL C 64 -11.72 -13.36 -19.41
CA VAL C 64 -12.40 -14.25 -20.35
C VAL C 64 -12.57 -15.61 -19.64
N PRO C 65 -13.83 -16.07 -19.51
CA PRO C 65 -14.06 -17.37 -18.87
C PRO C 65 -13.61 -18.54 -19.75
N HIS C 66 -12.86 -19.47 -19.15
CA HIS C 66 -12.26 -20.58 -19.90
C HIS C 66 -13.31 -21.52 -20.49
N ASN C 67 -14.43 -21.69 -19.79
CA ASN C 67 -15.50 -22.59 -20.25
C ASN C 67 -16.28 -22.10 -21.48
N MET C 68 -16.04 -20.86 -21.91
CA MET C 68 -16.70 -20.30 -23.08
C MET C 68 -15.82 -20.33 -24.33
N VAL C 69 -14.54 -20.71 -24.16
CA VAL C 69 -13.55 -20.59 -25.22
C VAL C 69 -12.72 -21.86 -25.38
N SER C 70 -12.14 -22.03 -26.57
CA SER C 70 -11.33 -23.20 -26.86
C SER C 70 -10.00 -22.78 -27.46
N GLU C 71 -8.91 -23.33 -26.95
CA GLU C 71 -7.58 -22.99 -27.41
C GLU C 71 -7.36 -23.48 -28.85
N VAL C 72 -6.60 -22.72 -29.63
CA VAL C 72 -6.10 -23.15 -30.95
C VAL C 72 -7.11 -22.86 -32.06
N GLY D 4 -36.28 -0.96 -52.53
CA GLY D 4 -36.71 -0.79 -51.11
C GLY D 4 -35.56 -0.75 -50.13
N SER D 5 -35.91 -0.52 -48.86
CA SER D 5 -34.95 -0.53 -47.75
C SER D 5 -35.43 -1.39 -46.57
N PRO D 6 -34.52 -1.70 -45.65
CA PRO D 6 -34.90 -2.61 -44.55
C PRO D 6 -35.66 -1.90 -43.44
N GLU D 7 -36.16 -2.67 -42.47
CA GLU D 7 -37.00 -2.11 -41.38
C GLU D 7 -36.22 -1.49 -40.21
N PHE D 8 -35.05 -0.97 -40.54
CA PHE D 8 -34.24 -0.22 -39.59
C PHE D 8 -33.37 0.80 -40.32
N ARG D 9 -32.60 1.54 -39.54
CA ARG D 9 -31.61 2.47 -40.08
C ARG D 9 -30.21 2.00 -39.75
N TYR D 10 -29.26 2.27 -40.64
CA TYR D 10 -27.85 2.05 -40.36
C TYR D 10 -27.14 3.36 -40.04
N PHE D 11 -26.27 3.30 -39.03
CA PHE D 11 -25.41 4.40 -38.63
C PHE D 11 -23.97 3.88 -38.59
N VAL D 12 -23.02 4.76 -38.90
CA VAL D 12 -21.60 4.41 -38.86
C VAL D 12 -20.93 5.15 -37.72
N ALA D 13 -20.16 4.42 -36.90
CA ALA D 13 -19.41 5.02 -35.81
C ALA D 13 -18.27 5.84 -36.37
N MET D 14 -18.19 7.10 -35.93
CA MET D 14 -17.11 8.00 -36.35
C MET D 14 -15.94 7.94 -35.40
N PHE D 15 -16.17 7.46 -34.17
CA PHE D 15 -15.13 7.30 -33.16
C PHE D 15 -15.27 5.97 -32.44
N ASP D 16 -14.20 5.56 -31.75
CA ASP D 16 -14.27 4.45 -30.81
C ASP D 16 -15.06 4.89 -29.59
N TYR D 17 -15.86 3.99 -29.04
CA TYR D 17 -16.58 4.28 -27.79
C TYR D 17 -16.55 3.06 -26.87
N ASP D 18 -15.86 3.21 -25.74
CA ASP D 18 -15.79 2.19 -24.70
C ASP D 18 -16.50 2.74 -23.44
N PRO D 19 -17.78 2.38 -23.24
CA PRO D 19 -18.56 2.98 -22.15
C PRO D 19 -17.96 2.75 -20.76
N SER D 20 -17.28 1.63 -20.56
CA SER D 20 -16.68 1.31 -19.28
C SER D 20 -15.68 2.38 -18.83
N THR D 21 -14.90 2.92 -19.77
CA THR D 21 -13.92 3.97 -19.48
C THR D 21 -14.32 5.37 -19.95
N MET D 22 -15.29 5.47 -20.86
CA MET D 22 -15.64 6.75 -21.51
C MET D 22 -17.03 7.30 -21.18
N SER D 23 -17.95 6.46 -20.69
CA SER D 23 -19.30 6.93 -20.39
C SER D 23 -19.31 7.86 -19.18
N PRO D 24 -20.06 8.97 -19.28
CA PRO D 24 -20.29 9.86 -18.13
C PRO D 24 -21.43 9.40 -17.23
N ASN D 25 -22.07 8.29 -17.59
CA ASN D 25 -23.21 7.75 -16.87
C ASN D 25 -22.78 6.56 -16.02
N PRO D 26 -23.30 6.47 -14.77
CA PRO D 26 -22.93 5.39 -13.85
C PRO D 26 -23.35 3.99 -14.30
N ASP D 27 -24.42 3.90 -15.09
CA ASP D 27 -24.89 2.63 -15.65
C ASP D 27 -24.46 2.45 -17.11
N GLY D 28 -23.45 3.22 -17.53
CA GLY D 28 -23.04 3.27 -18.94
C GLY D 28 -22.62 1.92 -19.51
N CYS D 29 -21.78 1.21 -18.78
CA CYS D 29 -21.30 -0.10 -19.22
C CYS D 29 -22.46 -1.04 -19.53
N ASP D 30 -23.39 -1.14 -18.59
CA ASP D 30 -24.51 -2.09 -18.70
C ASP D 30 -25.56 -1.70 -19.74
N GLU D 31 -25.71 -0.42 -20.02
CA GLU D 31 -26.81 0.06 -20.87
C GLU D 31 -26.41 0.59 -22.25
N GLU D 32 -25.15 0.99 -22.42
CA GLU D 32 -24.69 1.61 -23.66
C GLU D 32 -23.82 0.66 -24.46
N LEU D 33 -23.97 0.69 -25.78
CA LEU D 33 -23.22 -0.17 -26.68
C LEU D 33 -21.77 0.27 -26.84
N PRO D 34 -20.84 -0.68 -26.72
CA PRO D 34 -19.46 -0.41 -27.12
C PRO D 34 -19.28 -0.61 -28.62
N PHE D 35 -18.49 0.25 -29.24
CA PHE D 35 -18.19 0.13 -30.66
C PHE D 35 -16.84 0.77 -30.96
N GLN D 36 -16.27 0.40 -32.11
CA GLN D 36 -15.07 1.05 -32.61
C GLN D 36 -15.41 1.78 -33.91
N GLU D 37 -14.57 2.74 -34.27
CA GLU D 37 -14.77 3.54 -35.49
C GLU D 37 -14.96 2.63 -36.69
N GLY D 38 -15.94 2.99 -37.54
CA GLY D 38 -16.23 2.21 -38.73
C GLY D 38 -17.24 1.08 -38.54
N ASP D 39 -17.59 0.77 -37.28
CA ASP D 39 -18.65 -0.20 -37.02
C ASP D 39 -19.96 0.34 -37.56
N THR D 40 -20.79 -0.55 -38.08
CA THR D 40 -22.11 -0.21 -38.58
C THR D 40 -23.16 -0.69 -37.59
N ILE D 41 -24.02 0.22 -37.15
CA ILE D 41 -24.96 -0.05 -36.08
C ILE D 41 -26.39 0.01 -36.59
N LYS D 42 -27.20 -0.95 -36.16
CA LYS D 42 -28.61 -1.01 -36.53
C LYS D 42 -29.42 -0.20 -35.54
N VAL D 43 -30.08 0.87 -36.01
CA VAL D 43 -30.90 1.71 -35.15
C VAL D 43 -32.39 1.50 -35.40
N PHE D 44 -33.16 1.44 -34.31
CA PHE D 44 -34.61 1.26 -34.36
C PHE D 44 -35.28 2.50 -33.79
N GLY D 45 -36.24 3.05 -34.54
CA GLY D 45 -36.93 4.26 -34.11
C GLY D 45 -36.02 5.47 -34.19
N ASP D 46 -36.31 6.48 -33.38
CA ASP D 46 -35.61 7.77 -33.44
C ASP D 46 -34.87 8.04 -32.16
N LYS D 47 -34.02 9.07 -32.20
CA LYS D 47 -33.20 9.44 -31.06
C LYS D 47 -34.06 10.08 -29.97
N ASP D 48 -33.79 9.71 -28.72
CA ASP D 48 -34.60 10.14 -27.58
C ASP D 48 -34.22 11.55 -27.15
N ALA D 49 -34.92 12.08 -26.14
CA ALA D 49 -34.68 13.43 -25.62
C ALA D 49 -33.25 13.63 -25.11
N ASP D 50 -32.64 12.56 -24.60
CA ASP D 50 -31.27 12.60 -24.10
C ASP D 50 -30.22 12.64 -25.21
N GLY D 51 -30.64 12.34 -26.44
CA GLY D 51 -29.74 12.35 -27.60
C GLY D 51 -29.16 10.98 -27.92
N PHE D 52 -29.84 9.92 -27.45
CA PHE D 52 -29.38 8.54 -27.65
C PHE D 52 -30.30 7.74 -28.57
N TYR D 53 -29.69 7.02 -29.50
CA TYR D 53 -30.41 6.04 -30.32
C TYR D 53 -30.46 4.72 -29.60
N TRP D 54 -31.53 3.95 -29.82
CA TRP D 54 -31.57 2.55 -29.41
C TRP D 54 -31.05 1.73 -30.58
N GLY D 55 -29.95 1.00 -30.36
CA GLY D 55 -29.25 0.31 -31.46
C GLY D 55 -28.86 -1.13 -31.20
N GLU D 56 -28.40 -1.81 -32.26
CA GLU D 56 -27.94 -3.20 -32.18
C GLU D 56 -26.59 -3.40 -32.90
N LEU D 57 -25.69 -4.10 -32.22
CA LEU D 57 -24.38 -4.41 -32.77
C LEU D 57 -23.86 -5.72 -32.16
N ARG D 58 -23.46 -6.64 -33.03
CA ARG D 58 -22.90 -7.94 -32.63
C ARG D 58 -23.74 -8.66 -31.57
N GLY D 59 -25.02 -8.86 -31.89
CA GLY D 59 -25.95 -9.63 -31.05
C GLY D 59 -26.38 -8.97 -29.75
N ARG D 60 -26.13 -7.68 -29.61
CA ARG D 60 -26.41 -6.96 -28.39
C ARG D 60 -27.13 -5.63 -28.73
N ARG D 61 -28.06 -5.24 -27.87
CA ARG D 61 -28.76 -3.98 -28.00
C ARG D 61 -28.42 -3.04 -26.85
N GLY D 62 -28.48 -1.74 -27.11
CA GLY D 62 -28.13 -0.74 -26.11
C GLY D 62 -28.21 0.68 -26.64
N TYR D 63 -28.02 1.64 -25.75
CA TYR D 63 -28.08 3.04 -26.12
C TYR D 63 -26.81 3.46 -26.86
N VAL D 64 -26.99 4.33 -27.84
CA VAL D 64 -25.92 4.79 -28.72
C VAL D 64 -26.01 6.31 -28.79
N PRO D 65 -24.93 7.00 -28.42
CA PRO D 65 -24.95 8.47 -28.46
C PRO D 65 -24.88 9.01 -29.89
N HIS D 66 -25.78 9.93 -30.22
CA HIS D 66 -25.91 10.43 -31.60
C HIS D 66 -24.66 11.17 -32.07
N ASN D 67 -23.98 11.84 -31.14
CA ASN D 67 -22.77 12.60 -31.47
C ASN D 67 -21.54 11.76 -31.83
N MET D 68 -21.62 10.45 -31.65
CA MET D 68 -20.52 9.54 -31.98
C MET D 68 -20.74 8.81 -33.30
N VAL D 69 -21.92 8.96 -33.90
CA VAL D 69 -22.32 8.19 -35.07
C VAL D 69 -22.91 9.08 -36.18
N SER D 70 -22.88 8.57 -37.41
CA SER D 70 -23.39 9.28 -38.56
C SER D 70 -24.33 8.38 -39.36
N GLU D 71 -25.50 8.92 -39.71
CA GLU D 71 -26.50 8.16 -40.46
C GLU D 71 -26.06 7.91 -41.89
N VAL D 72 -26.52 6.79 -42.46
CA VAL D 72 -26.15 6.40 -43.80
C VAL D 72 -27.42 6.75 -44.57
N GLU D 73 -27.35 7.76 -45.44
CA GLU D 73 -28.56 8.26 -46.10
C GLU D 73 -29.08 7.31 -47.18
N TYR E 10 -12.13 -4.11 26.22
CA TYR E 10 -12.54 -2.95 25.35
C TYR E 10 -13.94 -2.52 25.71
N PHE E 11 -14.12 -1.20 25.86
CA PHE E 11 -15.40 -0.59 26.18
C PHE E 11 -15.67 0.52 25.16
N VAL E 12 -16.93 0.73 24.81
CA VAL E 12 -17.31 1.78 23.88
C VAL E 12 -18.08 2.87 24.62
N ALA E 13 -17.69 4.12 24.40
CA ALA E 13 -18.36 5.27 25.01
C ALA E 13 -19.72 5.45 24.38
N MET E 14 -20.75 5.52 25.22
CA MET E 14 -22.12 5.71 24.77
C MET E 14 -22.47 7.20 24.73
N PHE E 15 -21.73 8.02 25.47
CA PHE E 15 -21.93 9.47 25.50
C PHE E 15 -20.59 10.20 25.45
N ASP E 16 -20.63 11.49 25.12
CA ASP E 16 -19.48 12.37 25.26
C ASP E 16 -19.23 12.61 26.75
N TYR E 17 -17.97 12.67 27.14
CA TYR E 17 -17.63 13.02 28.51
C TYR E 17 -16.43 13.96 28.57
N ASP E 18 -16.68 15.19 29.01
CA ASP E 18 -15.66 16.20 29.20
C ASP E 18 -15.56 16.48 30.70
N PRO E 19 -14.59 15.84 31.39
CA PRO E 19 -14.49 16.00 32.86
C PRO E 19 -14.33 17.43 33.34
N SER E 20 -13.67 18.28 32.56
CA SER E 20 -13.45 19.68 32.94
C SER E 20 -14.77 20.41 33.19
N THR E 21 -15.78 20.14 32.37
CA THR E 21 -17.10 20.76 32.52
C THR E 21 -18.18 19.84 33.10
N MET E 22 -17.96 18.52 33.07
CA MET E 22 -19.01 17.55 33.43
C MET E 22 -18.73 16.74 34.70
N SER E 23 -17.48 16.67 35.15
CA SER E 23 -17.16 15.86 36.33
C SER E 23 -17.70 16.49 37.60
N PRO E 24 -18.32 15.68 38.49
CA PRO E 24 -18.75 16.13 39.81
C PRO E 24 -17.62 16.14 40.84
N ASN E 25 -16.43 15.69 40.43
CA ASN E 25 -15.28 15.56 41.30
C ASN E 25 -14.31 16.73 41.09
N PRO E 26 -13.74 17.27 42.18
CA PRO E 26 -12.84 18.43 42.10
C PRO E 26 -11.51 18.14 41.37
N ASP E 27 -11.07 16.89 41.38
CA ASP E 27 -9.87 16.46 40.67
C ASP E 27 -10.20 15.76 39.34
N GLY E 28 -11.43 15.96 38.84
CA GLY E 28 -11.93 15.23 37.68
C GLY E 28 -11.11 15.40 36.42
N CYS E 29 -10.77 16.65 36.11
CA CYS E 29 -9.98 16.95 34.92
C CYS E 29 -8.66 16.19 34.91
N ASP E 30 -7.94 16.25 36.03
CA ASP E 30 -6.61 15.64 36.12
C ASP E 30 -6.62 14.12 36.19
N GLU E 31 -7.70 13.53 36.69
CA GLU E 31 -7.71 12.08 36.96
C GLU E 31 -8.63 11.24 36.05
N GLU E 32 -9.62 11.88 35.42
CA GLU E 32 -10.60 11.16 34.62
C GLU E 32 -10.37 11.38 33.13
N LEU E 33 -10.56 10.33 32.35
CA LEU E 33 -10.38 10.39 30.90
C LEU E 33 -11.48 11.13 30.19
N PRO E 34 -11.11 12.06 29.29
CA PRO E 34 -12.10 12.64 28.39
C PRO E 34 -12.29 11.72 27.19
N PHE E 35 -13.54 11.60 26.74
CA PHE E 35 -13.84 10.83 25.54
C PHE E 35 -15.11 11.35 24.89
N GLN E 36 -15.29 10.99 23.63
CA GLN E 36 -16.50 11.26 22.94
C GLN E 36 -17.22 9.99 22.61
N GLU E 37 -18.51 10.08 22.32
CA GLU E 37 -19.31 8.93 21.94
C GLU E 37 -18.65 8.14 20.80
N GLY E 38 -18.65 6.82 20.93
CA GLY E 38 -18.07 5.94 19.92
C GLY E 38 -16.58 5.67 20.09
N ASP E 39 -15.91 6.40 20.99
CA ASP E 39 -14.51 6.12 21.30
C ASP E 39 -14.41 4.73 21.93
N THR E 40 -13.34 4.02 21.61
CA THR E 40 -13.09 2.70 22.17
C THR E 40 -11.98 2.82 23.21
N ILE E 41 -12.25 2.35 24.43
CA ILE E 41 -11.36 2.53 25.56
C ILE E 41 -10.81 1.20 26.04
N LYS E 42 -9.51 1.18 26.33
CA LYS E 42 -8.83 -0.02 26.84
C LYS E 42 -8.95 -0.03 28.36
N VAL E 43 -9.60 -1.05 28.91
CA VAL E 43 -9.78 -1.17 30.36
C VAL E 43 -8.90 -2.28 30.93
N PHE E 44 -8.28 -2.00 32.08
CA PHE E 44 -7.42 -2.96 32.78
C PHE E 44 -8.05 -3.29 34.13
N GLY E 45 -8.19 -4.59 34.42
CA GLY E 45 -8.81 -5.01 35.67
C GLY E 45 -10.30 -4.75 35.67
N ASP E 46 -10.88 -4.61 36.86
CA ASP E 46 -12.32 -4.47 37.02
C ASP E 46 -12.69 -3.13 37.61
N LYS E 47 -13.98 -2.83 37.59
CA LYS E 47 -14.49 -1.56 38.07
C LYS E 47 -14.40 -1.50 39.60
N ASP E 48 -13.98 -0.35 40.12
CA ASP E 48 -13.74 -0.18 41.56
C ASP E 48 -15.05 0.06 42.30
N ALA E 49 -14.96 0.19 43.62
CA ALA E 49 -16.14 0.42 44.47
C ALA E 49 -16.91 1.69 44.12
N ASP E 50 -16.20 2.70 43.61
CA ASP E 50 -16.81 3.95 43.20
C ASP E 50 -17.57 3.85 41.88
N GLY E 51 -17.34 2.77 41.13
CA GLY E 51 -18.00 2.55 39.85
C GLY E 51 -17.17 3.00 38.66
N PHE E 52 -15.86 3.13 38.85
CA PHE E 52 -14.96 3.60 37.82
C PHE E 52 -13.99 2.52 37.33
N TYR E 53 -13.84 2.44 36.01
CA TYR E 53 -12.81 1.60 35.40
C TYR E 53 -11.51 2.39 35.29
N TRP E 54 -10.38 1.69 35.37
CA TRP E 54 -9.09 2.28 35.03
C TRP E 54 -8.86 1.99 33.54
N GLY E 55 -8.74 3.04 32.73
CA GLY E 55 -8.71 2.87 31.28
C GLY E 55 -7.63 3.65 30.55
N GLU E 56 -7.46 3.34 29.26
CA GLU E 56 -6.50 4.03 28.39
C GLU E 56 -7.13 4.47 27.05
N LEU E 57 -6.85 5.71 26.67
CA LEU E 57 -7.32 6.29 25.42
C LEU E 57 -6.34 7.35 24.92
N ARG E 58 -5.92 7.21 23.66
CA ARG E 58 -5.02 8.17 23.01
C ARG E 58 -3.80 8.52 23.86
N GLY E 59 -3.07 7.48 24.27
CA GLY E 59 -1.80 7.65 24.99
C GLY E 59 -1.90 8.13 26.42
N ARG E 60 -3.10 8.09 26.99
CA ARG E 60 -3.36 8.61 28.33
C ARG E 60 -4.18 7.60 29.12
N ARG E 61 -3.89 7.50 30.42
CA ARG E 61 -4.66 6.64 31.32
C ARG E 61 -5.41 7.47 32.34
N GLY E 62 -6.54 6.95 32.82
CA GLY E 62 -7.37 7.67 33.77
C GLY E 62 -8.64 6.92 34.10
N TYR E 63 -9.38 7.46 35.06
CA TYR E 63 -10.62 6.83 35.52
C TYR E 63 -11.74 7.05 34.50
N VAL E 64 -12.56 6.02 34.34
CA VAL E 64 -13.64 6.01 33.37
C VAL E 64 -14.91 5.55 34.09
N PRO E 65 -15.97 6.38 34.06
CA PRO E 65 -17.21 5.99 34.74
C PRO E 65 -17.96 4.90 33.98
N HIS E 66 -18.38 3.86 34.70
CA HIS E 66 -18.99 2.69 34.08
C HIS E 66 -20.32 3.01 33.40
N ASN E 67 -21.06 3.96 33.97
CA ASN E 67 -22.37 4.35 33.42
C ASN E 67 -22.32 5.11 32.08
N MET E 68 -21.12 5.49 31.64
CA MET E 68 -20.96 6.20 30.36
C MET E 68 -20.47 5.28 29.24
N VAL E 69 -20.13 4.03 29.58
CA VAL E 69 -19.49 3.11 28.64
C VAL E 69 -20.14 1.73 28.64
N SER E 70 -19.95 1.00 27.55
CA SER E 70 -20.53 -0.33 27.39
C SER E 70 -19.45 -1.34 26.94
N GLU E 71 -19.39 -2.51 27.60
CA GLU E 71 -18.38 -3.56 27.26
C GLU E 71 -18.64 -4.01 25.83
N VAL E 72 -17.59 -4.22 25.05
CA VAL E 72 -17.71 -4.76 23.68
C VAL E 72 -18.08 -6.25 23.77
N SER F 5 -10.92 28.99 3.18
CA SER F 5 -12.34 28.93 2.69
C SER F 5 -13.41 28.67 3.75
N PRO F 6 -13.20 27.74 4.70
CA PRO F 6 -14.19 27.69 5.79
C PRO F 6 -13.98 28.84 6.77
N GLU F 7 -14.90 29.00 7.72
CA GLU F 7 -14.86 30.14 8.67
C GLU F 7 -13.93 29.93 9.88
N PHE F 8 -12.89 29.16 9.67
CA PHE F 8 -11.86 28.96 10.66
C PHE F 8 -10.54 28.66 9.98
N ARG F 9 -9.52 28.41 10.77
CA ARG F 9 -8.32 27.75 10.17
C ARG F 9 -7.88 26.51 10.93
N TYR F 10 -7.09 25.73 10.21
CA TYR F 10 -6.61 24.47 10.71
C TYR F 10 -5.13 24.56 11.08
N PHE F 11 -4.80 23.94 12.21
CA PHE F 11 -3.43 23.81 12.70
C PHE F 11 -3.16 22.35 12.97
N VAL F 12 -1.92 21.92 12.76
CA VAL F 12 -1.52 20.54 13.02
C VAL F 12 -0.57 20.50 14.22
N ALA F 13 -0.86 19.60 15.15
CA ALA F 13 -0.02 19.41 16.33
C ALA F 13 1.30 18.77 15.92
N MET F 14 2.40 19.40 16.31
CA MET F 14 3.73 18.89 16.01
C MET F 14 4.23 17.98 17.13
N PHE F 15 3.66 18.12 18.33
CA PHE F 15 4.01 17.29 19.48
C PHE F 15 2.74 16.85 20.23
N ASP F 16 2.89 15.83 21.07
CA ASP F 16 1.86 15.46 22.03
C ASP F 16 1.79 16.53 23.12
N TYR F 17 0.59 16.85 23.57
CA TYR F 17 0.41 17.78 24.69
C TYR F 17 -0.67 17.29 25.65
N ASP F 18 -0.24 16.93 26.86
CA ASP F 18 -1.13 16.50 27.93
C ASP F 18 -1.05 17.57 29.05
N PRO F 19 -2.01 18.51 29.06
CA PRO F 19 -1.94 19.62 30.03
C PRO F 19 -1.90 19.18 31.50
N SER F 20 -2.56 18.07 31.83
CA SER F 20 -2.58 17.57 33.20
C SER F 20 -1.17 17.33 33.75
N THR F 21 -0.28 16.79 32.91
CA THR F 21 1.11 16.53 33.30
C THR F 21 2.14 17.51 32.74
N MET F 22 1.78 18.26 31.69
CA MET F 22 2.74 19.09 30.96
C MET F 22 2.50 20.61 31.07
N SER F 23 1.30 21.04 31.45
CA SER F 23 1.02 22.48 31.52
C SER F 23 1.76 23.12 32.69
N PRO F 24 2.37 24.31 32.46
CA PRO F 24 2.97 25.11 33.52
C PRO F 24 1.96 25.98 34.27
N ASN F 25 0.69 25.92 33.84
CA ASN F 25 -0.38 26.72 34.42
C ASN F 25 -1.22 25.88 35.37
N PRO F 26 -1.62 26.46 36.52
CA PRO F 26 -2.41 25.73 37.53
C PRO F 26 -3.82 25.32 37.06
N ASP F 27 -4.39 26.09 36.13
CA ASP F 27 -5.69 25.78 35.56
C ASP F 27 -5.57 25.11 34.17
N GLY F 28 -4.38 24.56 33.88
CA GLY F 28 -4.08 24.04 32.55
C GLY F 28 -5.00 22.93 32.09
N CYS F 29 -5.23 21.96 32.96
CA CYS F 29 -6.10 20.83 32.64
C CYS F 29 -7.49 21.29 32.21
N ASP F 30 -8.09 22.18 33.01
CA ASP F 30 -9.46 22.64 32.76
C ASP F 30 -9.61 23.59 31.56
N GLU F 31 -8.55 24.32 31.22
CA GLU F 31 -8.65 25.38 30.19
C GLU F 31 -7.93 25.10 28.87
N GLU F 32 -6.95 24.20 28.89
CA GLU F 32 -6.12 23.95 27.70
C GLU F 32 -6.48 22.61 27.07
N LEU F 33 -6.46 22.58 25.74
CA LEU F 33 -6.80 21.38 24.98
C LEU F 33 -5.69 20.34 25.02
N PRO F 34 -6.04 19.07 25.31
CA PRO F 34 -5.10 17.98 25.11
C PRO F 34 -5.12 17.52 23.65
N PHE F 35 -3.95 17.20 23.12
CA PHE F 35 -3.85 16.68 21.76
C PHE F 35 -2.60 15.82 21.62
N GLN F 36 -2.59 14.97 20.59
CA GLN F 36 -1.40 14.18 20.25
C GLN F 36 -0.89 14.66 18.90
N GLU F 37 0.38 14.36 18.62
CA GLU F 37 1.02 14.76 17.37
C GLU F 37 0.18 14.31 16.17
N GLY F 38 0.05 15.19 15.18
CA GLY F 38 -0.73 14.87 13.99
C GLY F 38 -2.21 15.20 14.08
N ASP F 39 -2.71 15.52 15.28
CA ASP F 39 -4.10 15.98 15.43
C ASP F 39 -4.27 17.30 14.69
N THR F 40 -5.44 17.48 14.08
CA THR F 40 -5.77 18.71 13.37
C THR F 40 -6.77 19.50 14.21
N ILE F 41 -6.42 20.75 14.49
CA ILE F 41 -7.17 21.57 15.44
C ILE F 41 -7.82 22.75 14.71
N LYS F 42 -9.06 23.03 15.06
CA LYS F 42 -9.81 24.15 14.48
C LYS F 42 -9.54 25.39 15.32
N VAL F 43 -8.95 26.42 14.72
CA VAL F 43 -8.65 27.66 15.43
C VAL F 43 -9.57 28.80 14.97
N PHE F 44 -10.05 29.58 15.95
CA PHE F 44 -10.93 30.71 15.69
C PHE F 44 -10.22 32.00 16.12
N GLY F 45 -10.19 32.98 15.23
CA GLY F 45 -9.51 34.24 15.51
C GLY F 45 -8.00 34.09 15.49
N ASP F 46 -7.30 34.99 16.19
CA ASP F 46 -5.82 35.05 16.14
C ASP F 46 -5.25 34.75 17.57
N LYS F 47 -3.95 34.49 17.63
CA LYS F 47 -3.29 34.09 18.87
C LYS F 47 -3.21 35.30 19.82
N ASP F 48 -3.46 35.05 21.10
CA ASP F 48 -3.54 36.13 22.09
C ASP F 48 -2.14 36.57 22.53
N ALA F 49 -2.07 37.58 23.40
CA ALA F 49 -0.81 38.12 23.90
C ALA F 49 0.05 37.07 24.62
N ASP F 50 -0.60 36.09 25.24
CA ASP F 50 0.11 35.01 25.93
C ASP F 50 0.72 33.97 24.98
N GLY F 51 0.31 34.00 23.71
CA GLY F 51 0.80 33.08 22.70
C GLY F 51 -0.08 31.86 22.50
N PHE F 52 -1.35 31.97 22.90
CA PHE F 52 -2.31 30.86 22.82
C PHE F 52 -3.42 31.12 21.81
N TYR F 53 -3.71 30.10 20.99
CA TYR F 53 -4.88 30.11 20.12
C TYR F 53 -6.08 29.58 20.89
N TRP F 54 -7.27 30.07 20.54
CA TRP F 54 -8.53 29.48 20.99
C TRP F 54 -8.92 28.45 19.94
N GLY F 55 -8.99 27.17 20.34
CA GLY F 55 -9.18 26.08 19.37
C GLY F 55 -10.23 25.04 19.74
N GLU F 56 -10.54 24.17 18.78
CA GLU F 56 -11.52 23.09 18.97
C GLU F 56 -11.00 21.75 18.47
N LEU F 57 -11.19 20.72 19.29
CA LEU F 57 -10.78 19.35 18.96
C LEU F 57 -11.68 18.35 19.68
N ARG F 58 -12.24 17.42 18.91
CA ARG F 58 -13.09 16.35 19.43
C ARG F 58 -14.19 16.88 20.38
N GLY F 59 -14.98 17.82 19.88
CA GLY F 59 -16.15 18.33 20.60
C GLY F 59 -15.86 19.21 21.80
N ARG F 60 -14.62 19.68 21.93
CA ARG F 60 -14.18 20.46 23.07
C ARG F 60 -13.39 21.67 22.60
N ARG F 61 -13.55 22.80 23.31
CA ARG F 61 -12.80 24.01 23.01
C ARG F 61 -11.88 24.36 24.17
N GLY F 62 -10.78 25.02 23.85
CA GLY F 62 -9.78 25.36 24.87
C GLY F 62 -8.57 26.05 24.28
N TYR F 63 -7.67 26.49 25.16
CA TYR F 63 -6.47 27.20 24.73
C TYR F 63 -5.45 26.23 24.17
N VAL F 64 -4.75 26.68 23.13
CA VAL F 64 -3.78 25.88 22.41
C VAL F 64 -2.51 26.70 22.27
N PRO F 65 -1.38 26.17 22.75
CA PRO F 65 -0.12 26.93 22.66
C PRO F 65 0.43 26.93 21.24
N HIS F 66 0.79 28.11 20.76
CA HIS F 66 1.22 28.29 19.37
C HIS F 66 2.50 27.50 19.05
N ASN F 67 3.39 27.40 20.03
CA ASN F 67 4.67 26.70 19.85
C ASN F 67 4.58 25.18 19.71
N MET F 68 3.39 24.61 19.93
CA MET F 68 3.17 23.17 19.79
C MET F 68 2.48 22.81 18.48
N VAL F 69 2.06 23.82 17.71
CA VAL F 69 1.23 23.60 16.52
C VAL F 69 1.74 24.38 15.31
N SER F 70 1.37 23.93 14.12
CA SER F 70 1.78 24.56 12.88
C SER F 70 0.56 24.81 12.00
N GLU F 71 0.42 26.04 11.51
CA GLU F 71 -0.73 26.43 10.70
C GLU F 71 -0.69 25.72 9.34
N PRO G 6 8.35 14.02 19.75
CA PRO G 6 8.24 14.39 21.16
C PRO G 6 9.58 14.32 21.90
N GLU G 7 9.55 14.77 23.15
CA GLU G 7 10.68 14.78 24.01
C GLU G 7 10.63 13.48 24.80
N PHE G 8 10.59 12.31 24.13
CA PHE G 8 11.18 11.07 24.70
C PHE G 8 12.51 11.07 24.01
N ARG G 9 13.41 10.20 24.44
CA ARG G 9 14.70 10.01 23.79
C ARG G 9 14.82 8.60 23.21
N TYR G 10 15.56 8.48 22.12
CA TYR G 10 15.85 7.18 21.51
C TYR G 10 17.28 6.79 21.79
N PHE G 11 17.46 5.52 22.15
CA PHE G 11 18.77 4.93 22.39
C PHE G 11 18.88 3.66 21.56
N VAL G 12 20.09 3.36 21.09
CA VAL G 12 20.33 2.16 20.29
C VAL G 12 21.18 1.19 21.09
N ALA G 13 20.74 -0.07 21.13
CA ALA G 13 21.47 -1.11 21.82
C ALA G 13 22.74 -1.44 21.05
N MET G 14 23.88 -1.41 21.75
CA MET G 14 25.16 -1.72 21.16
C MET G 14 25.50 -3.21 21.31
N PHE G 15 24.85 -3.87 22.27
CA PHE G 15 25.03 -5.31 22.51
C PHE G 15 23.69 -5.99 22.75
N ASP G 16 23.68 -7.32 22.63
CA ASP G 16 22.55 -8.12 23.08
C ASP G 16 22.51 -8.11 24.60
N TYR G 17 21.32 -8.06 25.17
CA TYR G 17 21.16 -8.16 26.62
C TYR G 17 19.97 -9.05 26.97
N ASP G 18 20.28 -10.21 27.56
CA ASP G 18 19.28 -11.15 28.05
C ASP G 18 19.38 -11.19 29.59
N PRO G 19 18.53 -10.40 30.27
CA PRO G 19 18.62 -10.31 31.74
C PRO G 19 18.53 -11.66 32.47
N SER G 20 17.75 -12.59 31.94
CA SER G 20 17.58 -13.90 32.57
C SER G 20 18.91 -14.64 32.76
N THR G 21 19.80 -14.53 31.78
CA THR G 21 21.13 -15.16 31.85
C THR G 21 22.29 -14.18 32.12
N MET G 22 22.07 -12.88 31.90
CA MET G 22 23.16 -11.90 31.97
C MET G 22 23.07 -10.87 33.11
N SER G 23 21.88 -10.69 33.69
CA SER G 23 21.74 -9.69 34.76
C SER G 23 22.45 -10.13 36.04
N PRO G 24 23.17 -9.22 36.69
CA PRO G 24 23.78 -9.45 38.01
C PRO G 24 22.79 -9.25 39.16
N ASN G 25 21.57 -8.83 38.84
CA ASN G 25 20.55 -8.54 39.83
C ASN G 25 19.54 -9.68 39.93
N PRO G 26 19.12 -10.02 41.17
CA PRO G 26 18.21 -11.16 41.38
C PRO G 26 16.81 -10.96 40.80
N ASP G 27 16.39 -9.71 40.67
CA ASP G 27 15.09 -9.37 40.06
C ASP G 27 15.25 -8.91 38.60
N GLY G 28 16.39 -9.22 37.99
CA GLY G 28 16.75 -8.70 36.67
C GLY G 28 15.75 -9.06 35.57
N CYS G 29 15.36 -10.32 35.52
CA CYS G 29 14.41 -10.79 34.52
C CYS G 29 13.11 -10.00 34.56
N ASP G 30 12.54 -9.85 35.75
CA ASP G 30 11.25 -9.20 35.94
C ASP G 30 11.28 -7.68 35.75
N GLU G 31 12.43 -7.04 36.00
CA GLU G 31 12.49 -5.57 36.01
C GLU G 31 13.28 -4.93 34.87
N GLU G 32 14.17 -5.69 34.23
CA GLU G 32 15.04 -5.14 33.20
C GLU G 32 14.61 -5.59 31.81
N LEU G 33 14.71 -4.69 30.85
CA LEU G 33 14.32 -4.97 29.47
C LEU G 33 15.32 -5.86 28.75
N PRO G 34 14.81 -6.90 28.07
CA PRO G 34 15.66 -7.65 27.16
C PRO G 34 15.70 -6.95 25.81
N PHE G 35 16.88 -6.94 25.18
CA PHE G 35 17.02 -6.39 23.85
C PHE G 35 18.19 -7.03 23.12
N GLN G 36 18.20 -6.88 21.82
CA GLN G 36 19.29 -7.33 20.99
C GLN G 36 19.96 -6.15 20.36
N GLU G 37 21.21 -6.34 19.93
CA GLU G 37 21.98 -5.26 19.29
C GLU G 37 21.18 -4.64 18.14
N GLY G 38 21.20 -3.32 18.06
CA GLY G 38 20.49 -2.61 16.99
C GLY G 38 19.04 -2.27 17.32
N ASP G 39 18.49 -2.82 18.40
CA ASP G 39 17.15 -2.43 18.86
C ASP G 39 17.16 -0.97 19.26
N THR G 40 16.06 -0.28 18.97
CA THR G 40 15.91 1.12 19.33
C THR G 40 14.94 1.21 20.51
N ILE G 41 15.38 1.87 21.58
CA ILE G 41 14.64 1.89 22.83
C ILE G 41 14.18 3.31 23.16
N LYS G 42 12.94 3.40 23.62
CA LYS G 42 12.34 4.69 24.00
C LYS G 42 12.66 4.94 25.48
N VAL G 43 13.40 6.01 25.76
CA VAL G 43 13.77 6.36 27.14
C VAL G 43 12.98 7.58 27.62
N PHE G 44 12.52 7.51 28.86
CA PHE G 44 11.77 8.60 29.50
C PHE G 44 12.59 9.12 30.69
N GLY G 45 12.77 10.43 30.75
CA GLY G 45 13.56 11.05 31.80
C GLY G 45 15.04 10.75 31.66
N ASP G 46 15.76 10.79 32.77
CA ASP G 46 17.21 10.63 32.76
C ASP G 46 17.64 9.38 33.51
N LYS G 47 18.91 9.05 33.37
CA LYS G 47 19.47 7.86 33.98
C LYS G 47 19.60 8.06 35.50
N ASP G 48 19.24 7.01 36.26
CA ASP G 48 19.19 7.09 37.71
C ASP G 48 20.60 6.94 38.31
N ALA G 49 20.69 7.03 39.64
CA ALA G 49 21.95 6.91 40.36
C ALA G 49 22.65 5.57 40.11
N ASP G 50 21.88 4.52 39.87
CA ASP G 50 22.42 3.19 39.60
C ASP G 50 22.99 3.04 38.18
N GLY G 51 22.69 4.00 37.32
CA GLY G 51 23.17 4.00 35.93
C GLY G 51 22.17 3.38 34.95
N PHE G 52 20.90 3.34 35.33
CA PHE G 52 19.86 2.71 34.52
C PHE G 52 18.85 3.72 33.99
N TYR G 53 18.52 3.61 32.71
CA TYR G 53 17.42 4.36 32.11
C TYR G 53 16.12 3.60 32.30
N TRP G 54 15.01 4.33 32.43
CA TRP G 54 13.68 3.74 32.36
C TRP G 54 13.26 3.80 30.89
N GLY G 55 13.03 2.63 30.28
CA GLY G 55 12.80 2.55 28.83
C GLY G 55 11.63 1.70 28.38
N GLU G 56 11.30 1.80 27.10
CA GLU G 56 10.21 1.01 26.49
C GLU G 56 10.63 0.35 25.18
N LEU G 57 10.30 -0.93 25.04
CA LEU G 57 10.59 -1.71 23.85
C LEU G 57 9.54 -2.81 23.67
N ARG G 58 8.96 -2.86 22.48
CA ARG G 58 7.98 -3.88 22.12
C ARG G 58 6.87 -4.04 23.17
N GLY G 59 6.20 -2.94 23.50
CA GLY G 59 5.05 -2.94 24.40
C GLY G 59 5.34 -3.20 25.86
N ARG G 60 6.60 -3.09 26.24
CA ARG G 60 7.03 -3.40 27.60
C ARG G 60 7.97 -2.30 28.10
N ARG G 61 7.86 -1.98 29.40
CA ARG G 61 8.75 -1.01 30.02
C ARG G 61 9.63 -1.70 31.07
N GLY G 62 10.81 -1.14 31.30
CA GLY G 62 11.76 -1.73 32.23
C GLY G 62 13.07 -0.97 32.28
N TYR G 63 13.93 -1.37 33.20
CA TYR G 63 15.23 -0.72 33.38
C TYR G 63 16.18 -1.13 32.27
N VAL G 64 16.99 -0.17 31.84
CA VAL G 64 17.94 -0.35 30.74
C VAL G 64 19.29 0.18 31.19
N PRO G 65 20.33 -0.66 31.16
CA PRO G 65 21.66 -0.22 31.60
C PRO G 65 22.30 0.71 30.59
N HIS G 66 22.83 1.84 31.07
CA HIS G 66 23.36 2.88 30.19
C HIS G 66 24.58 2.40 29.39
N ASN G 67 25.38 1.53 30.00
CA ASN G 67 26.60 1.02 29.36
C ASN G 67 26.36 0.07 28.19
N MET G 68 25.11 -0.36 27.97
CA MET G 68 24.78 -1.25 26.87
C MET G 68 24.14 -0.51 25.68
N VAL G 69 23.87 0.78 25.85
CA VAL G 69 23.12 1.56 24.87
C VAL G 69 23.77 2.90 24.56
N SER G 70 23.44 3.46 23.39
CA SER G 70 24.00 4.73 22.95
C SER G 70 22.89 5.68 22.48
N GLU G 71 22.92 6.95 22.95
CA GLU G 71 21.90 7.97 22.57
C GLU G 71 21.98 8.23 21.08
N VAL G 72 20.83 8.48 20.44
CA VAL G 72 20.80 8.91 19.04
C VAL G 72 20.71 10.44 18.99
N GLY H 4 14.95 -31.78 3.82
CA GLY H 4 13.88 -31.44 2.84
C GLY H 4 13.57 -29.95 2.82
N SER H 5 13.36 -29.41 4.02
CA SER H 5 13.10 -27.99 4.29
C SER H 5 14.21 -27.56 5.31
N PRO H 6 14.04 -26.49 6.14
CA PRO H 6 15.13 -26.30 7.13
C PRO H 6 15.05 -27.28 8.30
N GLU H 7 16.08 -27.29 9.15
CA GLU H 7 16.16 -28.25 10.27
C GLU H 7 15.39 -27.86 11.52
N PHE H 8 14.31 -27.13 11.33
CA PHE H 8 13.41 -26.78 12.39
C PHE H 8 12.03 -26.55 11.84
N ARG H 9 11.13 -26.15 12.72
CA ARG H 9 9.89 -25.56 12.20
C ARG H 9 9.50 -24.24 12.78
N TYR H 10 8.59 -23.60 12.08
CA TYR H 10 8.13 -22.27 12.44
C TYR H 10 6.72 -22.31 13.00
N PHE H 11 6.52 -21.52 14.05
CA PHE H 11 5.22 -21.31 14.68
C PHE H 11 4.97 -19.82 14.77
N VAL H 12 3.71 -19.43 14.65
CA VAL H 12 3.32 -18.02 14.76
C VAL H 12 2.54 -17.81 16.05
N ALA H 13 2.93 -16.78 16.81
CA ALA H 13 2.22 -16.42 18.04
C ALA H 13 0.86 -15.83 17.70
N MET H 14 -0.18 -16.39 18.32
CA MET H 14 -1.55 -15.92 18.12
C MET H 14 -1.92 -14.86 19.16
N PHE H 15 -1.20 -14.83 20.27
CA PHE H 15 -1.41 -13.83 21.33
C PHE H 15 -0.06 -13.29 21.84
N ASP H 16 -0.13 -12.16 22.54
CA ASP H 16 1.01 -11.65 23.30
C ASP H 16 1.22 -12.54 24.51
N TYR H 17 2.48 -12.79 24.86
CA TYR H 17 2.80 -13.56 26.07
C TYR H 17 3.98 -12.95 26.81
N ASP H 18 3.70 -12.41 27.99
CA ASP H 18 4.71 -11.84 28.87
C ASP H 18 4.79 -12.72 30.12
N PRO H 19 5.76 -13.65 30.16
CA PRO H 19 5.83 -14.61 31.27
C PRO H 19 5.95 -13.95 32.66
N SER H 20 6.62 -12.81 32.74
CA SER H 20 6.79 -12.12 34.01
C SER H 20 5.47 -11.79 34.70
N THR H 21 4.47 -11.38 33.91
CA THR H 21 3.14 -11.06 34.43
C THR H 21 2.07 -12.11 34.14
N MET H 22 2.32 -13.01 33.17
CA MET H 22 1.28 -13.95 32.71
C MET H 22 1.55 -15.42 33.01
N SER H 23 2.80 -15.79 33.29
CA SER H 23 3.11 -17.21 33.54
C SER H 23 2.54 -17.68 34.87
N PRO H 24 1.91 -18.87 34.89
CA PRO H 24 1.48 -19.51 36.12
C PRO H 24 2.60 -20.26 36.86
N ASN H 25 3.79 -20.27 36.27
CA ASN H 25 4.93 -20.99 36.81
C ASN H 25 5.88 -20.02 37.52
N PRO H 26 6.44 -20.43 38.68
CA PRO H 26 7.33 -19.55 39.46
C PRO H 26 8.65 -19.22 38.78
N ASP H 27 9.12 -20.11 37.90
CA ASP H 27 10.34 -19.90 37.12
C ASP H 27 10.03 -19.43 35.69
N GLY H 28 8.81 -18.93 35.46
CA GLY H 28 8.33 -18.61 34.12
C GLY H 28 9.17 -17.58 33.39
N CYS H 29 9.50 -16.49 34.07
CA CYS H 29 10.31 -15.42 33.48
C CYS H 29 11.63 -15.95 32.94
N ASP H 30 12.33 -16.72 33.78
CA ASP H 30 13.67 -17.22 33.43
C ASP H 30 13.68 -18.34 32.38
N GLU H 31 12.60 -19.10 32.28
CA GLU H 31 12.59 -20.30 31.42
C GLU H 31 11.70 -20.23 30.19
N GLU H 32 10.71 -19.33 30.19
CA GLU H 32 9.75 -19.26 29.10
C GLU H 32 10.00 -18.03 28.23
N LEU H 33 9.82 -18.20 26.92
CA LEU H 33 10.04 -17.11 25.97
C LEU H 33 8.93 -16.07 26.00
N PRO H 34 9.30 -14.79 26.07
CA PRO H 34 8.33 -13.73 25.82
C PRO H 34 8.16 -13.51 24.32
N PHE H 35 6.93 -13.26 23.89
CA PHE H 35 6.65 -12.93 22.50
C PHE H 35 5.39 -12.08 22.39
N GLN H 36 5.24 -11.40 21.26
CA GLN H 36 4.01 -10.67 20.96
C GLN H 36 3.34 -11.34 19.76
N GLU H 37 2.04 -11.09 19.60
CA GLU H 37 1.26 -11.65 18.52
C GLU H 37 1.94 -11.38 17.17
N GLY H 38 1.96 -12.40 16.31
CA GLY H 38 2.58 -12.27 15.00
C GLY H 38 4.07 -12.59 14.95
N ASP H 39 4.72 -12.72 16.11
CA ASP H 39 6.11 -13.17 16.15
C ASP H 39 6.21 -14.58 15.59
N THR H 40 7.30 -14.86 14.88
CA THR H 40 7.56 -16.17 14.32
C THR H 40 8.66 -16.84 15.14
N ILE H 41 8.38 -18.05 15.62
CA ILE H 41 9.25 -18.72 16.57
C ILE H 41 9.80 -20.01 15.97
N LYS H 42 11.09 -20.23 16.19
CA LYS H 42 11.78 -21.42 15.69
C LYS H 42 11.64 -22.52 16.73
N VAL H 43 10.97 -23.62 16.37
CA VAL H 43 10.79 -24.75 17.28
C VAL H 43 11.67 -25.93 16.89
N PHE H 44 12.27 -26.56 17.90
CA PHE H 44 13.13 -27.74 17.71
C PHE H 44 12.48 -28.94 18.40
N GLY H 45 12.36 -30.05 17.66
CA GLY H 45 11.72 -31.25 18.20
C GLY H 45 10.22 -31.06 18.36
N ASP H 46 9.64 -31.82 19.29
CA ASP H 46 8.19 -31.84 19.47
C ASP H 46 7.80 -31.33 20.84
N LYS H 47 6.50 -31.11 21.01
CA LYS H 47 5.98 -30.57 22.25
C LYS H 47 6.03 -31.62 23.36
N ASP H 48 6.42 -31.20 24.56
CA ASP H 48 6.65 -32.12 25.68
C ASP H 48 5.32 -32.49 26.35
N ALA H 49 5.39 -33.35 27.36
CA ALA H 49 4.20 -33.81 28.09
C ALA H 49 3.42 -32.66 28.73
N ASP H 50 4.12 -31.59 29.12
CA ASP H 50 3.49 -30.43 29.73
C ASP H 50 2.77 -29.54 28.73
N GLY H 51 3.02 -29.76 27.44
CA GLY H 51 2.37 -28.99 26.37
C GLY H 51 3.22 -27.81 25.90
N PHE H 52 4.52 -27.87 26.14
CA PHE H 52 5.45 -26.79 25.78
C PHE H 52 6.42 -27.20 24.69
N TYR H 53 6.61 -26.31 23.72
CA TYR H 53 7.65 -26.45 22.71
C TYR H 53 8.94 -25.83 23.24
N TRP H 54 10.08 -26.39 22.83
CA TRP H 54 11.37 -25.73 23.02
C TRP H 54 11.62 -24.86 21.79
N GLY H 55 11.74 -23.54 21.98
CA GLY H 55 11.80 -22.61 20.86
C GLY H 55 12.89 -21.55 20.92
N GLU H 56 13.06 -20.82 19.82
CA GLU H 56 14.03 -19.73 19.74
C GLU H 56 13.42 -18.46 19.11
N LEU H 57 13.69 -17.33 19.74
CA LEU H 57 13.23 -16.03 19.27
C LEU H 57 14.19 -14.92 19.72
N ARG H 58 14.64 -14.12 18.76
CA ARG H 58 15.54 -13.00 19.01
C ARG H 58 16.75 -13.37 19.88
N GLY H 59 17.49 -14.38 19.43
CA GLY H 59 18.74 -14.80 20.07
C GLY H 59 18.61 -15.50 21.42
N ARG H 60 17.40 -15.92 21.75
CA ARG H 60 17.11 -16.53 23.06
C ARG H 60 16.29 -17.79 22.86
N ARG H 61 16.56 -18.80 23.69
CA ARG H 61 15.79 -20.04 23.67
C ARG H 61 15.03 -20.21 24.97
N GLY H 62 13.90 -20.90 24.90
CA GLY H 62 13.04 -21.08 26.06
C GLY H 62 11.77 -21.83 25.73
N TYR H 63 11.01 -22.15 26.77
CA TYR H 63 9.77 -22.90 26.61
C TYR H 63 8.67 -22.02 26.04
N VAL H 64 7.86 -22.62 25.17
CA VAL H 64 6.80 -21.93 24.47
C VAL H 64 5.52 -22.75 24.61
N PRO H 65 4.44 -22.15 25.14
CA PRO H 65 3.20 -22.90 25.33
C PRO H 65 2.48 -23.12 24.01
N HIS H 66 2.06 -24.36 23.75
CA HIS H 66 1.48 -24.72 22.46
C HIS H 66 0.16 -24.00 22.19
N ASN H 67 -0.60 -23.75 23.26
CA ASN H 67 -1.91 -23.09 23.13
C ASN H 67 -1.84 -21.59 22.75
N MET H 68 -0.65 -21.01 22.74
CA MET H 68 -0.46 -19.61 22.38
C MET H 68 0.06 -19.44 20.95
N VAL H 69 0.39 -20.54 20.29
CA VAL H 69 1.06 -20.51 18.99
C VAL H 69 0.42 -21.46 17.98
N SER H 70 0.63 -21.20 16.70
CA SER H 70 0.07 -22.00 15.62
C SER H 70 1.18 -22.38 14.62
N GLU H 71 1.23 -23.68 14.29
CA GLU H 71 2.25 -24.27 13.40
C GLU H 71 1.99 -23.74 11.95
N VAL H 72 3.05 -23.56 11.16
CA VAL H 72 2.95 -22.95 9.83
C VAL H 72 2.76 -23.99 8.73
N GLU H 73 3.52 -25.09 8.73
CA GLU H 73 3.49 -25.95 7.56
C GLU H 73 2.07 -26.40 7.26
N PHE I 8 -6.81 9.37 -28.30
CA PHE I 8 -5.37 9.67 -27.98
C PHE I 8 -4.86 10.90 -28.73
N ARG I 9 -3.61 11.26 -28.45
CA ARG I 9 -2.91 12.33 -29.18
C ARG I 9 -1.72 11.78 -29.95
N TYR I 10 -1.41 12.41 -31.09
CA TYR I 10 -0.22 12.06 -31.86
C TYR I 10 0.86 13.13 -31.69
N PHE I 11 2.09 12.66 -31.53
CA PHE I 11 3.28 13.50 -31.42
C PHE I 11 4.31 13.01 -32.43
N VAL I 12 5.09 13.94 -32.98
CA VAL I 12 6.13 13.60 -33.95
C VAL I 12 7.50 13.84 -33.31
N ALA I 13 8.38 12.84 -33.42
CA ALA I 13 9.73 12.96 -32.92
C ALA I 13 10.52 13.94 -33.77
N MET I 14 11.13 14.92 -33.12
CA MET I 14 11.95 15.93 -33.81
C MET I 14 13.40 15.51 -33.88
N PHE I 15 13.80 14.60 -32.98
CA PHE I 15 15.16 14.06 -32.95
C PHE I 15 15.14 12.53 -32.76
N ASP I 16 16.26 11.89 -33.06
CA ASP I 16 16.47 10.49 -32.69
C ASP I 16 16.64 10.44 -31.18
N TYR I 17 16.08 9.40 -30.55
CA TYR I 17 16.32 9.15 -29.13
C TYR I 17 16.58 7.66 -28.85
N ASP I 18 17.80 7.36 -28.43
CA ASP I 18 18.20 6.01 -28.04
C ASP I 18 18.49 6.04 -26.53
N PRO I 19 17.50 5.66 -25.71
CA PRO I 19 17.67 5.73 -24.26
C PRO I 19 18.90 4.98 -23.71
N SER I 20 19.25 3.85 -24.34
CA SER I 20 20.39 3.05 -23.88
C SER I 20 21.69 3.85 -23.84
N THR I 21 21.89 4.72 -24.84
CA THR I 21 23.08 5.56 -24.91
C THR I 21 22.85 7.04 -24.57
N MET I 22 21.59 7.49 -24.59
CA MET I 22 21.27 8.92 -24.44
C MET I 22 20.51 9.30 -23.15
N SER I 23 19.87 8.33 -22.49
CA SER I 23 19.08 8.66 -21.30
C SER I 23 19.97 9.02 -20.12
N PRO I 24 19.61 10.08 -19.38
CA PRO I 24 20.30 10.47 -18.15
C PRO I 24 19.80 9.69 -16.93
N ASN I 25 18.81 8.83 -17.14
CA ASN I 25 18.19 8.04 -16.09
C ASN I 25 18.72 6.61 -16.10
N PRO I 26 18.98 6.04 -14.90
CA PRO I 26 19.56 4.68 -14.79
C PRO I 26 18.62 3.57 -15.29
N ASP I 27 17.32 3.80 -15.24
CA ASP I 27 16.31 2.86 -15.73
C ASP I 27 15.79 3.25 -17.12
N GLY I 28 16.54 4.11 -17.82
CA GLY I 28 16.07 4.72 -19.08
C GLY I 28 15.75 3.71 -20.17
N CYS I 29 16.64 2.76 -20.38
CA CYS I 29 16.45 1.72 -21.39
C CYS I 29 15.14 0.97 -21.18
N ASP I 30 14.90 0.53 -19.96
CA ASP I 30 13.73 -0.30 -19.65
C ASP I 30 12.40 0.48 -19.63
N GLU I 31 12.45 1.78 -19.35
CA GLU I 31 11.21 2.54 -19.12
C GLU I 31 10.89 3.57 -20.20
N GLU I 32 11.88 4.01 -20.98
CA GLU I 32 11.68 5.07 -21.95
C GLU I 32 11.67 4.51 -23.37
N LEU I 33 10.80 5.06 -24.21
CA LEU I 33 10.66 4.63 -25.60
C LEU I 33 11.81 5.09 -26.48
N PRO I 34 12.38 4.16 -27.28
CA PRO I 34 13.31 4.57 -28.31
C PRO I 34 12.53 4.98 -29.55
N PHE I 35 13.01 6.03 -30.22
CA PHE I 35 12.43 6.47 -31.47
C PHE I 35 13.47 7.16 -32.33
N GLN I 36 13.19 7.26 -33.63
CA GLN I 36 13.99 8.07 -34.53
C GLN I 36 13.15 9.26 -35.02
N GLU I 37 13.85 10.29 -35.51
CA GLU I 37 13.20 11.49 -36.01
C GLU I 37 12.13 11.13 -37.05
N GLY I 38 10.97 11.78 -36.94
CA GLY I 38 9.86 11.52 -37.86
C GLY I 38 8.92 10.41 -37.45
N ASP I 39 9.28 9.64 -36.42
CA ASP I 39 8.37 8.64 -35.86
C ASP I 39 7.16 9.34 -35.26
N THR I 40 5.99 8.71 -35.41
CA THR I 40 4.75 9.25 -34.85
C THR I 40 4.38 8.41 -33.64
N ILE I 41 4.17 9.08 -32.51
CA ILE I 41 3.97 8.41 -31.22
C ILE I 41 2.57 8.67 -30.69
N LYS I 42 1.94 7.62 -30.17
CA LYS I 42 0.59 7.71 -29.60
C LYS I 42 0.73 8.07 -28.12
N VAL I 43 0.20 9.23 -27.72
CA VAL I 43 0.27 9.67 -26.34
C VAL I 43 -1.09 9.57 -25.64
N PHE I 44 -1.08 9.09 -24.39
CA PHE I 44 -2.28 8.95 -23.58
C PHE I 44 -2.18 9.87 -22.38
N GLY I 45 -3.22 10.67 -22.14
CA GLY I 45 -3.22 11.63 -21.05
C GLY I 45 -2.28 12.78 -21.31
N ASP I 46 -1.81 13.41 -20.23
CA ASP I 46 -0.97 14.60 -20.33
C ASP I 46 0.42 14.35 -19.76
N LYS I 47 1.30 15.31 -20.01
CA LYS I 47 2.69 15.19 -19.59
C LYS I 47 2.80 15.35 -18.06
N ASP I 48 3.63 14.53 -17.44
CA ASP I 48 3.74 14.47 -15.99
C ASP I 48 4.63 15.59 -15.48
N ALA I 49 4.79 15.67 -14.15
CA ALA I 49 5.60 16.71 -13.51
C ALA I 49 7.06 16.68 -13.95
N ASP I 50 7.56 15.49 -14.31
CA ASP I 50 8.93 15.34 -14.78
C ASP I 50 9.13 15.81 -16.22
N GLY I 51 8.04 16.02 -16.94
CA GLY I 51 8.08 16.48 -18.33
C GLY I 51 8.02 15.35 -19.34
N PHE I 52 7.49 14.20 -18.92
CA PHE I 52 7.41 13.01 -19.77
C PHE I 52 5.97 12.65 -20.11
N TYR I 53 5.73 12.35 -21.38
CA TYR I 53 4.46 11.77 -21.82
C TYR I 53 4.52 10.24 -21.69
N TRP I 54 3.37 9.64 -21.42
CA TRP I 54 3.23 8.19 -21.52
C TRP I 54 2.77 7.88 -22.94
N GLY I 55 3.58 7.13 -23.70
CA GLY I 55 3.34 6.94 -25.12
C GLY I 55 3.45 5.52 -25.64
N GLU I 56 3.03 5.31 -26.89
CA GLU I 56 3.10 4.01 -27.55
C GLU I 56 3.69 4.09 -28.96
N LEU I 57 4.63 3.19 -29.25
CA LEU I 57 5.26 3.10 -30.56
C LEU I 57 5.69 1.66 -30.84
N ARG I 58 5.28 1.16 -32.00
CA ARG I 58 5.64 -0.18 -32.46
C ARG I 58 5.40 -1.28 -31.40
N GLY I 59 4.16 -1.33 -30.89
CA GLY I 59 3.73 -2.36 -29.95
C GLY I 59 4.29 -2.28 -28.55
N ARG I 60 4.87 -1.13 -28.20
CA ARG I 60 5.53 -0.94 -26.92
C ARG I 60 5.13 0.39 -26.31
N ARG I 61 4.97 0.41 -24.99
CA ARG I 61 4.65 1.64 -24.27
C ARG I 61 5.81 2.05 -23.37
N GLY I 62 5.92 3.35 -23.12
CA GLY I 62 7.02 3.86 -22.30
C GLY I 62 7.00 5.38 -22.22
N TYR I 63 7.89 5.92 -21.38
CA TYR I 63 7.97 7.35 -21.17
C TYR I 63 8.64 8.02 -22.36
N VAL I 64 8.14 9.20 -22.70
CA VAL I 64 8.60 9.97 -23.84
C VAL I 64 8.85 11.40 -23.36
N PRO I 65 10.10 11.90 -23.55
CA PRO I 65 10.40 13.26 -23.12
C PRO I 65 9.76 14.30 -24.03
N HIS I 66 9.11 15.29 -23.42
CA HIS I 66 8.35 16.31 -24.18
C HIS I 66 9.25 17.15 -25.07
N ASN I 67 10.47 17.42 -24.62
CA ASN I 67 11.42 18.25 -25.37
C ASN I 67 11.98 17.61 -26.65
N MET I 68 11.70 16.33 -26.88
CA MET I 68 12.14 15.63 -28.08
C MET I 68 11.04 15.48 -29.13
N VAL I 69 9.81 15.87 -28.77
CA VAL I 69 8.65 15.59 -29.60
C VAL I 69 7.76 16.84 -29.77
N SER I 70 6.97 16.85 -30.83
CA SER I 70 6.07 17.98 -31.12
C SER I 70 4.66 17.47 -31.41
N GLU I 71 3.67 18.09 -30.77
CA GLU I 71 2.28 17.69 -30.92
C GLU I 71 1.73 18.04 -32.31
N VAL I 72 0.72 17.32 -32.79
CA VAL I 72 0.02 17.68 -34.05
C VAL I 72 -1.48 17.97 -33.86
N GLU I 73 -1.97 18.93 -34.64
CA GLU I 73 -3.38 19.36 -34.57
C GLU I 73 -3.91 19.83 -35.93
N SER J 5 26.48 -7.47 -54.84
CA SER J 5 25.66 -7.33 -53.61
C SER J 5 26.17 -6.17 -52.75
N PRO J 6 25.38 -5.71 -51.77
CA PRO J 6 25.95 -4.71 -50.88
C PRO J 6 26.91 -5.32 -49.86
N GLU J 7 27.60 -4.49 -49.10
CA GLU J 7 28.63 -4.95 -48.14
C GLU J 7 28.09 -5.44 -46.80
N PHE J 8 26.87 -5.96 -46.85
CA PHE J 8 26.26 -6.58 -45.69
C PHE J 8 25.24 -7.64 -46.11
N ARG J 9 24.62 -8.27 -45.12
CA ARG J 9 23.52 -9.20 -45.32
C ARG J 9 22.23 -8.70 -44.75
N TYR J 10 21.11 -9.06 -45.37
CA TYR J 10 19.80 -8.77 -44.84
C TYR J 10 19.17 -10.01 -44.23
N PHE J 11 18.54 -9.81 -43.07
CA PHE J 11 17.79 -10.83 -42.36
C PHE J 11 16.42 -10.29 -42.06
N VAL J 12 15.41 -11.17 -42.07
CA VAL J 12 14.05 -10.78 -41.76
C VAL J 12 13.64 -11.39 -40.42
N ALA J 13 13.08 -10.55 -39.54
CA ALA J 13 12.57 -11.02 -38.25
C ALA J 13 11.33 -11.88 -38.45
N MET J 14 11.35 -13.07 -37.88
CA MET J 14 10.22 -13.99 -37.96
C MET J 14 9.27 -13.81 -36.78
N PHE J 15 9.78 -13.21 -35.70
CA PHE J 15 8.97 -12.93 -34.51
C PHE J 15 9.26 -11.51 -33.99
N ASP J 16 8.37 -11.02 -33.13
CA ASP J 16 8.64 -9.82 -32.35
C ASP J 16 9.68 -10.14 -31.29
N TYR J 17 10.59 -9.20 -31.02
CA TYR J 17 11.54 -9.35 -29.95
C TYR J 17 11.72 -8.04 -29.18
N ASP J 18 11.28 -8.06 -27.92
CA ASP J 18 11.46 -6.95 -26.99
C ASP J 18 12.43 -7.38 -25.89
N PRO J 19 13.72 -7.03 -26.00
CA PRO J 19 14.73 -7.50 -25.03
C PRO J 19 14.44 -7.11 -23.58
N SER J 20 13.81 -5.96 -23.37
CA SER J 20 13.49 -5.49 -22.03
C SER J 20 12.61 -6.48 -21.25
N THR J 21 11.66 -7.10 -21.94
CA THR J 21 10.77 -8.09 -21.33
C THR J 21 11.07 -9.55 -21.71
N MET J 22 11.81 -9.76 -22.80
CA MET J 22 12.02 -11.11 -23.36
C MET J 22 13.45 -11.66 -23.28
N SER J 23 14.44 -10.79 -23.09
CA SER J 23 15.82 -11.26 -23.06
C SER J 23 16.11 -12.04 -21.77
N PRO J 24 16.80 -13.19 -21.90
CA PRO J 24 17.29 -13.95 -20.75
C PRO J 24 18.59 -13.39 -20.16
N ASN J 25 19.13 -12.35 -20.78
CA ASN J 25 20.41 -11.76 -20.39
C ASN J 25 20.17 -10.48 -19.60
N PRO J 26 20.95 -10.28 -18.53
CA PRO J 26 20.78 -9.08 -17.66
C PRO J 26 21.08 -7.75 -18.36
N ASP J 27 21.97 -7.78 -19.36
CA ASP J 27 22.31 -6.58 -20.15
C ASP J 27 21.55 -6.54 -21.49
N GLY J 28 20.47 -7.32 -21.60
CA GLY J 28 19.77 -7.53 -22.87
C GLY J 28 19.24 -6.24 -23.48
N CYS J 29 18.58 -5.42 -22.67
CA CYS J 29 18.01 -4.16 -23.13
C CYS J 29 19.07 -3.27 -23.77
N ASP J 30 20.20 -3.10 -23.08
CA ASP J 30 21.27 -2.21 -23.54
C ASP J 30 22.09 -2.74 -24.73
N GLU J 31 22.15 -4.05 -24.90
CA GLU J 31 23.04 -4.64 -25.92
C GLU J 31 22.35 -5.33 -27.10
N GLU J 32 21.08 -5.71 -26.93
CA GLU J 32 20.37 -6.45 -27.98
C GLU J 32 19.35 -5.56 -28.67
N LEU J 33 19.21 -5.75 -29.99
CA LEU J 33 18.28 -4.98 -30.79
C LEU J 33 16.83 -5.40 -30.58
N PRO J 34 15.94 -4.42 -30.36
CA PRO J 34 14.52 -4.70 -30.41
C PRO J 34 14.03 -4.68 -31.86
N PHE J 35 13.14 -5.59 -32.20
CA PHE J 35 12.51 -5.61 -33.52
C PHE J 35 11.13 -6.25 -33.47
N GLN J 36 10.33 -5.99 -34.49
CA GLN J 36 9.03 -6.66 -34.65
C GLN J 36 9.08 -7.53 -35.89
N GLU J 37 8.18 -8.50 -35.96
CA GLU J 37 8.10 -9.42 -37.09
C GLU J 37 8.04 -8.65 -38.41
N GLY J 38 8.80 -9.12 -39.39
CA GLY J 38 8.83 -8.48 -40.71
C GLY J 38 9.86 -7.36 -40.85
N ASP J 39 10.46 -6.92 -39.75
CA ASP J 39 11.56 -5.94 -39.82
C ASP J 39 12.73 -6.57 -40.57
N THR J 40 13.42 -5.75 -41.35
CA THR J 40 14.59 -6.19 -42.09
C THR J 40 15.82 -5.61 -41.41
N ILE J 41 16.76 -6.50 -41.09
CA ILE J 41 17.93 -6.13 -40.29
C ILE J 41 19.20 -6.28 -41.10
N LYS J 42 20.08 -5.30 -40.96
CA LYS J 42 21.38 -5.31 -41.63
C LYS J 42 22.38 -6.05 -40.74
N VAL J 43 22.93 -7.16 -41.23
CA VAL J 43 23.92 -7.94 -40.47
C VAL J 43 25.32 -7.78 -41.06
N PHE J 44 26.31 -7.63 -40.17
CA PHE J 44 27.71 -7.49 -40.56
C PHE J 44 28.49 -8.68 -40.02
N GLY J 45 29.27 -9.33 -40.88
CA GLY J 45 30.03 -10.50 -40.49
C GLY J 45 29.14 -11.70 -40.24
N ASP J 46 29.61 -12.63 -39.41
CA ASP J 46 28.91 -13.89 -39.17
C ASP J 46 28.45 -14.01 -37.74
N LYS J 47 27.62 -15.01 -37.49
CA LYS J 47 27.06 -15.24 -36.17
C LYS J 47 28.14 -15.77 -35.21
N ASP J 48 28.15 -15.25 -33.99
CA ASP J 48 29.20 -15.57 -33.00
C ASP J 48 28.92 -16.93 -32.34
N ALA J 49 29.82 -17.35 -31.46
CA ALA J 49 29.70 -18.63 -30.75
C ALA J 49 28.43 -18.74 -29.91
N ASP J 50 27.92 -17.60 -29.43
CA ASP J 50 26.70 -17.57 -28.64
C ASP J 50 25.43 -17.72 -29.49
N GLY J 51 25.58 -17.57 -30.80
CA GLY J 51 24.46 -17.68 -31.73
C GLY J 51 23.83 -16.33 -32.09
N PHE J 52 24.58 -15.25 -31.89
CA PHE J 52 24.08 -13.89 -32.13
C PHE J 52 24.77 -13.22 -33.31
N TYR J 53 23.98 -12.56 -34.16
CA TYR J 53 24.50 -11.70 -35.21
C TYR J 53 24.71 -10.30 -34.65
N TRP J 54 25.70 -9.59 -35.17
CA TRP J 54 25.84 -8.16 -34.95
C TRP J 54 25.06 -7.45 -36.07
N GLY J 55 24.04 -6.68 -35.70
CA GLY J 55 23.12 -6.11 -36.69
C GLY J 55 22.78 -4.64 -36.51
N GLU J 56 22.11 -4.06 -37.52
CA GLU J 56 21.67 -2.67 -37.48
C GLU J 56 20.20 -2.51 -37.91
N LEU J 57 19.47 -1.72 -37.13
CA LEU J 57 18.07 -1.43 -37.40
C LEU J 57 17.70 -0.06 -36.85
N ARG J 58 17.11 0.77 -37.70
CA ARG J 58 16.66 2.11 -37.33
C ARG J 58 17.72 2.91 -36.56
N GLY J 59 18.90 3.04 -37.17
CA GLY J 59 19.98 3.88 -36.65
C GLY J 59 20.69 3.37 -35.42
N ARG J 60 20.48 2.09 -35.10
CA ARG J 60 21.01 1.50 -33.89
C ARG J 60 21.64 0.14 -34.21
N ARG J 61 22.74 -0.17 -33.55
CA ARG J 61 23.39 -1.47 -33.70
C ARG J 61 23.32 -2.26 -32.40
N GLY J 62 23.32 -3.57 -32.53
CA GLY J 62 23.19 -4.45 -31.36
C GLY J 62 23.15 -5.91 -31.74
N TYR J 63 23.15 -6.76 -30.73
CA TYR J 63 23.14 -8.21 -30.95
C TYR J 63 21.73 -8.67 -31.35
N VAL J 64 21.70 -9.65 -32.26
CA VAL J 64 20.48 -10.17 -32.82
C VAL J 64 20.54 -11.69 -32.75
N PRO J 65 19.56 -12.33 -32.08
CA PRO J 65 19.58 -13.79 -31.97
C PRO J 65 19.21 -14.47 -33.28
N HIS J 66 20.01 -15.44 -33.69
CA HIS J 66 19.84 -16.09 -34.99
C HIS J 66 18.51 -16.83 -35.10
N ASN J 67 18.04 -17.40 -33.99
CA ASN J 67 16.79 -18.17 -33.98
C ASN J 67 15.52 -17.35 -34.15
N MET J 68 15.64 -16.02 -34.12
CA MET J 68 14.50 -15.13 -34.30
C MET J 68 14.42 -14.55 -35.71
N VAL J 69 15.44 -14.80 -36.52
CA VAL J 69 15.58 -14.16 -37.83
C VAL J 69 15.92 -15.16 -38.93
N SER J 70 15.61 -14.79 -40.17
CA SER J 70 15.86 -15.64 -41.33
C SER J 70 16.59 -14.86 -42.41
N GLU J 71 17.65 -15.45 -42.94
CA GLU J 71 18.47 -14.81 -43.95
C GLU J 71 17.84 -14.81 -45.34
N VAL J 72 18.42 -13.97 -46.19
CA VAL J 72 18.68 -14.32 -47.61
C VAL J 72 19.65 -13.28 -48.15
N GLU K 7 -7.91 -10.80 6.81
CA GLU K 7 -7.90 -10.89 5.32
C GLU K 7 -6.44 -11.07 4.81
N PHE K 8 -6.17 -11.19 3.50
CA PHE K 8 -4.80 -11.42 2.96
C PHE K 8 -4.46 -12.87 3.28
N ARG K 9 -3.40 -13.42 2.67
CA ARG K 9 -2.80 -14.62 3.24
C ARG K 9 -1.43 -14.30 3.78
N TYR K 10 -1.06 -14.99 4.85
CA TYR K 10 0.27 -14.85 5.42
C TYR K 10 1.09 -16.06 5.13
N PHE K 11 2.35 -15.83 4.76
CA PHE K 11 3.32 -16.88 4.49
C PHE K 11 4.58 -16.58 5.31
N VAL K 12 5.25 -17.64 5.77
CA VAL K 12 6.48 -17.49 6.54
C VAL K 12 7.65 -18.00 5.71
N ALA K 13 8.71 -17.18 5.64
CA ALA K 13 9.92 -17.54 4.92
C ALA K 13 10.65 -18.64 5.68
N MET K 14 10.95 -19.72 4.97
CA MET K 14 11.68 -20.86 5.54
C MET K 14 13.18 -20.72 5.36
N PHE K 15 13.58 -19.91 4.39
CA PHE K 15 14.99 -19.62 4.13
C PHE K 15 15.22 -18.13 3.88
N ASP K 16 16.49 -17.70 3.98
CA ASP K 16 16.88 -16.36 3.53
C ASP K 16 16.83 -16.31 2.01
N TYR K 17 16.39 -15.19 1.44
CA TYR K 17 16.41 -15.00 0.00
C TYR K 17 16.87 -13.59 -0.36
N ASP K 18 18.04 -13.53 -0.99
CA ASP K 18 18.62 -12.28 -1.48
C ASP K 18 18.65 -12.35 -3.01
N PRO K 19 17.62 -11.78 -3.69
CA PRO K 19 17.54 -11.89 -5.15
C PRO K 19 18.76 -11.37 -5.91
N SER K 20 19.40 -10.33 -5.38
CA SER K 20 20.59 -9.76 -6.04
C SER K 20 21.68 -10.79 -6.26
N THR K 21 21.89 -11.68 -5.28
CA THR K 21 22.91 -12.74 -5.38
C THR K 21 22.35 -14.13 -5.66
N MET K 22 21.05 -14.35 -5.42
CA MET K 22 20.45 -15.70 -5.46
C MET K 22 19.44 -15.94 -6.57
N SER K 23 18.89 -14.87 -7.16
CA SER K 23 17.87 -15.03 -8.19
C SER K 23 18.49 -15.56 -9.49
N PRO K 24 17.82 -16.54 -10.13
CA PRO K 24 18.22 -17.03 -11.45
C PRO K 24 17.69 -16.17 -12.59
N ASN K 25 16.93 -15.14 -12.25
CA ASN K 25 16.30 -14.26 -13.22
C ASN K 25 17.07 -12.96 -13.34
N PRO K 26 17.25 -12.44 -14.57
CA PRO K 26 18.01 -11.20 -14.81
C PRO K 26 17.40 -9.94 -14.22
N ASP K 27 16.07 -9.93 -14.06
CA ASP K 27 15.35 -8.82 -13.42
C ASP K 27 14.99 -9.12 -11.96
N GLY K 28 15.67 -10.11 -11.36
CA GLY K 28 15.31 -10.61 -10.03
C GLY K 28 15.35 -9.57 -8.93
N CYS K 29 16.44 -8.79 -8.90
CA CYS K 29 16.59 -7.74 -7.89
C CYS K 29 15.43 -6.76 -7.90
N ASP K 30 15.09 -6.28 -9.09
CA ASP K 30 14.05 -5.25 -9.24
C ASP K 30 12.63 -5.77 -9.02
N GLU K 31 12.39 -7.06 -9.26
CA GLU K 31 11.02 -7.59 -9.26
C GLU K 31 10.68 -8.55 -8.12
N GLU K 32 11.69 -9.16 -7.50
CA GLU K 32 11.47 -10.16 -6.46
C GLU K 32 11.79 -9.60 -5.09
N LEU K 33 10.98 -9.98 -4.10
CA LEU K 33 11.16 -9.53 -2.72
C LEU K 33 12.34 -10.20 -2.02
N PRO K 34 13.19 -9.39 -1.37
CA PRO K 34 14.18 -9.96 -0.46
C PRO K 34 13.55 -10.22 0.88
N PHE K 35 13.92 -11.34 1.50
CA PHE K 35 13.47 -11.66 2.85
C PHE K 35 14.49 -12.56 3.56
N GLN K 36 14.40 -12.58 4.88
CA GLN K 36 15.21 -13.51 5.68
C GLN K 36 14.26 -14.52 6.32
N GLU K 37 14.82 -15.66 6.72
CA GLU K 37 14.05 -16.72 7.38
C GLU K 37 13.25 -16.16 8.54
N GLY K 38 12.00 -16.59 8.66
CA GLY K 38 11.12 -16.14 9.74
C GLY K 38 10.34 -14.88 9.44
N ASP K 39 10.66 -14.19 8.35
CA ASP K 39 9.86 -13.04 7.92
C ASP K 39 8.47 -13.51 7.55
N THR K 40 7.47 -12.67 7.85
CA THR K 40 6.08 -12.96 7.51
C THR K 40 5.68 -12.07 6.35
N ILE K 41 5.18 -12.70 5.28
CA ILE K 41 4.89 -12.00 4.04
C ILE K 41 3.40 -12.01 3.74
N LYS K 42 2.90 -10.85 3.31
CA LYS K 42 1.49 -10.70 2.94
C LYS K 42 1.32 -11.08 1.47
N VAL K 43 0.54 -12.13 1.21
CA VAL K 43 0.28 -12.58 -0.16
C VAL K 43 -1.14 -12.22 -0.62
N PHE K 44 -1.24 -11.75 -1.87
CA PHE K 44 -2.51 -11.38 -2.49
C PHE K 44 -2.78 -12.31 -3.67
N GLY K 45 -3.97 -12.90 -3.71
CA GLY K 45 -4.32 -13.85 -4.76
C GLY K 45 -3.56 -15.16 -4.63
N ASP K 46 -3.40 -15.86 -5.75
CA ASP K 46 -2.79 -17.17 -5.76
C ASP K 46 -1.49 -17.19 -6.54
N LYS K 47 -0.77 -18.30 -6.41
CA LYS K 47 0.53 -18.45 -7.05
C LYS K 47 0.36 -18.62 -8.56
N ASP K 48 1.22 -17.96 -9.33
CA ASP K 48 1.11 -17.93 -10.79
C ASP K 48 1.68 -19.21 -11.40
N ALA K 49 1.60 -19.32 -12.73
CA ALA K 49 2.11 -20.49 -13.45
C ALA K 49 3.60 -20.74 -13.25
N ASP K 50 4.35 -19.66 -13.02
CA ASP K 50 5.79 -19.76 -12.77
C ASP K 50 6.13 -20.25 -11.36
N GLY K 51 5.14 -20.26 -10.47
CA GLY K 51 5.32 -20.72 -9.10
C GLY K 51 5.62 -19.59 -8.12
N PHE K 52 5.25 -18.37 -8.49
CA PHE K 52 5.53 -17.18 -7.67
C PHE K 52 4.25 -16.55 -7.13
N TYR K 53 4.29 -16.20 -5.84
CA TYR K 53 3.24 -15.40 -5.22
C TYR K 53 3.54 -13.92 -5.42
N TRP K 54 2.49 -13.11 -5.51
CA TRP K 54 2.63 -11.65 -5.43
C TRP K 54 2.49 -11.26 -3.97
N GLY K 55 3.52 -10.67 -3.39
CA GLY K 55 3.55 -10.44 -1.94
C GLY K 55 4.00 -9.06 -1.49
N GLU K 56 3.84 -8.80 -0.20
CA GLU K 56 4.25 -7.52 0.40
C GLU K 56 5.05 -7.72 1.70
N LEU K 57 6.16 -6.99 1.82
CA LEU K 57 7.01 -7.02 2.99
C LEU K 57 7.72 -5.69 3.16
N ARG K 58 7.61 -5.12 4.36
CA ARG K 58 8.28 -3.86 4.70
C ARG K 58 8.06 -2.76 3.66
N GLY K 59 6.79 -2.48 3.36
CA GLY K 59 6.40 -1.37 2.48
C GLY K 59 6.71 -1.56 1.01
N ARG K 60 7.01 -2.80 0.61
CA ARG K 60 7.41 -3.11 -0.76
C ARG K 60 6.67 -4.34 -1.25
N ARG K 61 6.30 -4.35 -2.53
CA ARG K 61 5.65 -5.49 -3.15
C ARG K 61 6.56 -6.10 -4.22
N GLY K 62 6.40 -7.40 -4.44
CA GLY K 62 7.23 -8.11 -5.40
C GLY K 62 6.93 -9.59 -5.44
N TYR K 63 7.56 -10.29 -6.38
CA TYR K 63 7.33 -11.71 -6.56
C TYR K 63 8.05 -12.50 -5.47
N VAL K 64 7.41 -13.58 -5.03
CA VAL K 64 7.90 -14.41 -3.95
C VAL K 64 7.81 -15.86 -4.41
N PRO K 65 8.95 -16.58 -4.40
CA PRO K 65 8.93 -17.98 -4.84
C PRO K 65 8.27 -18.89 -3.81
N HIS K 66 7.36 -19.74 -4.27
CA HIS K 66 6.55 -20.57 -3.37
C HIS K 66 7.41 -21.58 -2.60
N ASN K 67 8.48 -22.06 -3.23
CA ASN K 67 9.36 -23.06 -2.61
C ASN K 67 10.22 -22.54 -1.45
N MET K 68 10.23 -21.22 -1.24
CA MET K 68 10.99 -20.61 -0.15
C MET K 68 10.12 -20.26 1.06
N VAL K 69 8.80 -20.42 0.92
CA VAL K 69 7.84 -19.94 1.92
C VAL K 69 6.79 -20.99 2.25
N SER K 70 6.19 -20.85 3.43
CA SER K 70 5.17 -21.78 3.89
C SER K 70 3.94 -21.02 4.37
N GLU K 71 2.78 -21.45 3.92
CA GLU K 71 1.53 -20.79 4.27
C GLU K 71 1.21 -20.98 5.76
N VAL K 72 0.61 -19.95 6.36
CA VAL K 72 0.14 -20.00 7.73
C VAL K 72 -1.32 -20.45 7.73
N SER L 5 31.42 -0.54 23.25
CA SER L 5 32.46 -0.36 22.20
C SER L 5 32.50 -1.61 21.31
N PRO L 6 31.46 -1.88 20.47
CA PRO L 6 31.66 -3.01 19.54
C PRO L 6 32.55 -2.63 18.36
N GLU L 7 32.92 -3.61 17.54
CA GLU L 7 33.86 -3.37 16.42
C GLU L 7 33.23 -2.80 15.14
N PHE L 8 32.17 -2.04 15.35
CA PHE L 8 31.51 -1.33 14.26
C PHE L 8 30.82 -0.07 14.78
N ARG L 9 30.18 0.66 13.87
CA ARG L 9 29.33 1.79 14.22
C ARG L 9 27.89 1.52 13.88
N TYR L 10 26.98 2.10 14.66
CA TYR L 10 25.55 2.06 14.35
C TYR L 10 25.09 3.41 13.79
N PHE L 11 24.26 3.33 12.76
CA PHE L 11 23.62 4.48 12.13
C PHE L 11 22.12 4.23 12.07
N VAL L 12 21.33 5.29 12.21
CA VAL L 12 19.87 5.18 12.15
C VAL L 12 19.38 5.84 10.87
N ALA L 13 18.51 5.13 10.14
CA ALA L 13 17.92 5.66 8.92
C ALA L 13 16.91 6.75 9.29
N MET L 14 17.07 7.91 8.66
CA MET L 14 16.18 9.04 8.88
C MET L 14 15.03 9.03 7.88
N PHE L 15 15.21 8.34 6.76
CA PHE L 15 14.18 8.20 5.72
C PHE L 15 14.11 6.75 5.22
N ASP L 16 13.00 6.43 4.56
CA ASP L 16 12.89 5.18 3.80
C ASP L 16 13.78 5.29 2.57
N TYR L 17 14.43 4.19 2.20
CA TYR L 17 15.22 4.13 0.97
C TYR L 17 15.01 2.81 0.24
N ASP L 18 14.39 2.89 -0.92
CA ASP L 18 14.18 1.75 -1.80
C ASP L 18 15.00 1.97 -3.08
N PRO L 19 16.21 1.37 -3.16
CA PRO L 19 17.10 1.62 -4.29
C PRO L 19 16.50 1.29 -5.66
N SER L 20 15.64 0.27 -5.71
CA SER L 20 15.02 -0.14 -6.97
C SER L 20 14.24 1.00 -7.63
N THR L 21 13.54 1.80 -6.82
CA THR L 21 12.77 2.93 -7.33
C THR L 21 13.40 4.31 -7.05
N MET L 22 14.35 4.39 -6.12
CA MET L 22 14.89 5.67 -5.66
C MET L 22 16.36 5.93 -5.98
N SER L 23 17.13 4.89 -6.28
CA SER L 23 18.55 5.08 -6.58
C SER L 23 18.77 5.78 -7.91
N PRO L 24 19.70 6.76 -7.95
CA PRO L 24 20.11 7.41 -9.19
C PRO L 24 21.17 6.62 -9.96
N ASN L 25 21.61 5.50 -9.39
CA ASN L 25 22.64 4.66 -9.97
C ASN L 25 22.03 3.45 -10.66
N PRO L 26 22.55 3.08 -11.84
CA PRO L 26 22.02 1.93 -12.61
C PRO L 26 22.19 0.56 -11.91
N ASP L 27 23.21 0.43 -11.07
CA ASP L 27 23.44 -0.80 -10.30
C ASP L 27 22.95 -0.67 -8.86
N GLY L 28 22.06 0.31 -8.61
CA GLY L 28 21.64 0.65 -7.26
C GLY L 28 20.98 -0.50 -6.50
N CYS L 29 20.04 -1.18 -7.16
CA CYS L 29 19.33 -2.30 -6.56
C CYS L 29 20.30 -3.38 -6.05
N ASP L 30 21.23 -3.78 -6.91
CA ASP L 30 22.16 -4.86 -6.60
C ASP L 30 23.24 -4.49 -5.58
N GLU L 31 23.59 -3.21 -5.48
CA GLU L 31 24.74 -2.80 -4.65
C GLU L 31 24.40 -2.00 -3.40
N GLU L 32 23.21 -1.38 -3.36
CA GLU L 32 22.84 -0.50 -2.26
C GLU L 32 21.80 -1.14 -1.36
N LEU L 33 21.91 -0.91 -0.05
CA LEU L 33 21.00 -1.48 0.92
C LEU L 33 19.66 -0.79 0.93
N PRO L 34 18.56 -1.58 0.90
CA PRO L 34 17.25 -1.02 1.17
C PRO L 34 17.01 -0.93 2.69
N PHE L 35 16.37 0.15 3.13
CA PHE L 35 16.00 0.30 4.53
C PHE L 35 14.79 1.20 4.66
N GLN L 36 14.12 1.12 5.81
CA GLN L 36 13.03 2.04 6.15
C GLN L 36 13.46 2.89 7.33
N GLU L 37 12.78 4.03 7.50
CA GLU L 37 13.08 4.97 8.57
C GLU L 37 13.10 4.25 9.92
N GLY L 38 14.08 4.58 10.75
CA GLY L 38 14.20 3.95 12.06
C GLY L 38 15.00 2.65 12.10
N ASP L 39 15.33 2.09 10.93
CA ASP L 39 16.21 0.91 10.87
C ASP L 39 17.58 1.30 11.39
N THR L 40 18.22 0.37 12.08
CA THR L 40 19.57 0.57 12.60
C THR L 40 20.53 -0.25 11.75
N ILE L 41 21.56 0.43 11.24
CA ILE L 41 22.47 -0.17 10.28
C ILE L 41 23.87 -0.27 10.86
N LYS L 42 24.51 -1.41 10.63
CA LYS L 42 25.88 -1.64 11.07
C LYS L 42 26.83 -1.13 10.00
N VAL L 43 27.66 -0.14 10.34
CA VAL L 43 28.64 0.40 9.41
C VAL L 43 30.07 -0.03 9.78
N PHE L 44 30.84 -0.38 8.75
CA PHE L 44 32.24 -0.81 8.91
C PHE L 44 33.13 0.19 8.20
N GLY L 45 34.16 0.68 8.90
CA GLY L 45 35.06 1.68 8.34
C GLY L 45 34.39 3.03 8.18
N ASP L 46 34.89 3.83 7.26
CA ASP L 46 34.42 5.20 7.09
C ASP L 46 33.76 5.39 5.73
N LYS L 47 33.11 6.54 5.57
CA LYS L 47 32.40 6.85 4.35
C LYS L 47 33.40 7.14 3.22
N ASP L 48 33.10 6.63 2.03
CA ASP L 48 34.01 6.73 0.88
C ASP L 48 33.90 8.10 0.21
N ALA L 49 34.70 8.33 -0.81
CA ALA L 49 34.72 9.60 -1.55
C ALA L 49 33.36 9.96 -2.17
N ASP L 50 32.59 8.94 -2.54
CA ASP L 50 31.26 9.14 -3.11
C ASP L 50 30.21 9.53 -2.07
N GLY L 51 30.53 9.38 -0.79
CA GLY L 51 29.61 9.72 0.29
C GLY L 51 28.81 8.53 0.80
N PHE L 52 29.29 7.32 0.55
CA PHE L 52 28.59 6.08 0.91
C PHE L 52 29.33 5.30 1.99
N TYR L 53 28.57 4.84 2.99
CA TYR L 53 29.08 3.90 3.98
C TYR L 53 28.91 2.48 3.46
N TRP L 54 29.82 1.59 3.85
CA TRP L 54 29.62 0.15 3.66
C TRP L 54 28.93 -0.38 4.91
N GLY L 55 27.72 -0.92 4.74
CA GLY L 55 26.88 -1.28 5.89
C GLY L 55 26.25 -2.66 5.84
N GLU L 56 25.66 -3.07 6.96
CA GLU L 56 24.95 -4.34 7.07
C GLU L 56 23.58 -4.21 7.73
N LEU L 57 22.58 -4.85 7.12
CA LEU L 57 21.22 -4.84 7.63
C LEU L 57 20.50 -6.13 7.21
N ARG L 58 19.90 -6.81 8.19
CA ARG L 58 19.14 -8.03 7.95
C ARG L 58 19.87 -9.05 7.06
N GLY L 59 21.09 -9.41 7.48
CA GLY L 59 21.88 -10.45 6.82
C GLY L 59 22.46 -10.10 5.46
N ARG L 60 22.46 -8.81 5.12
CA ARG L 60 22.89 -8.34 3.81
C ARG L 60 23.80 -7.13 3.97
N ARG L 61 24.82 -7.05 3.12
CA ARG L 61 25.74 -5.92 3.11
C ARG L 61 25.61 -5.14 1.81
N GLY L 62 25.89 -3.85 1.88
CA GLY L 62 25.74 -2.98 0.71
C GLY L 62 26.05 -1.53 1.03
N TYR L 63 26.06 -0.70 -0.02
CA TYR L 63 26.36 0.72 0.14
C TYR L 63 25.17 1.46 0.73
N VAL L 64 25.48 2.42 1.60
CA VAL L 64 24.48 3.18 2.33
C VAL L 64 24.84 4.66 2.17
N PRO L 65 23.91 5.47 1.64
CA PRO L 65 24.19 6.89 1.47
C PRO L 65 24.18 7.65 2.80
N HIS L 66 25.21 8.46 3.02
CA HIS L 66 25.39 9.14 4.31
C HIS L 66 24.26 10.13 4.60
N ASN L 67 23.74 10.76 3.55
CA ASN L 67 22.68 11.78 3.70
C ASN L 67 21.31 11.23 4.10
N MET L 68 21.16 9.89 4.12
CA MET L 68 19.91 9.25 4.52
C MET L 68 19.97 8.71 5.95
N VAL L 69 21.14 8.77 6.58
CA VAL L 69 21.37 8.14 7.88
C VAL L 69 22.07 9.07 8.87
N SER L 70 21.91 8.78 10.16
CA SER L 70 22.51 9.57 11.22
C SER L 70 23.24 8.67 12.20
N GLU L 71 24.48 9.04 12.53
CA GLU L 71 25.30 8.24 13.44
C GLU L 71 24.77 8.31 14.87
N VAL L 72 25.02 7.26 15.65
CA VAL L 72 24.54 7.17 17.03
C VAL L 72 25.68 7.40 18.02
N ARG M 6 -11.80 14.09 -15.98
CA ARG M 6 -12.50 13.83 -14.68
C ARG M 6 -12.70 15.15 -13.89
N LYS M 7 -13.91 15.31 -13.38
CA LYS M 7 -14.40 16.62 -12.94
C LYS M 7 -14.24 16.84 -11.44
N LEU M 8 -13.87 18.06 -11.06
CA LEU M 8 -13.74 18.43 -9.65
C LEU M 8 -15.10 18.62 -8.99
N PRO M 9 -15.22 18.25 -7.70
CA PRO M 9 -16.49 18.47 -7.00
C PRO M 9 -16.70 19.92 -6.60
N GLU M 10 -17.96 20.27 -6.33
CA GLU M 10 -18.30 21.59 -5.78
C GLU M 10 -18.04 21.61 -4.27
N ILE M 11 -17.42 22.69 -3.80
CA ILE M 11 -17.30 22.92 -2.36
C ILE M 11 -18.69 23.29 -1.86
N PRO M 12 -19.24 22.53 -0.90
CA PRO M 12 -20.58 22.85 -0.39
C PRO M 12 -20.67 24.28 0.11
N LYS M 13 -21.65 25.02 -0.39
CA LYS M 13 -21.79 26.46 -0.12
C LYS M 13 -22.16 26.73 1.33
N ASN M 14 -22.98 25.87 1.91
CA ASN M 14 -23.36 25.99 3.32
C ASN M 14 -22.24 25.63 4.31
N LYS M 15 -21.13 25.10 3.80
CA LYS M 15 -19.95 24.79 4.62
C LYS M 15 -18.81 25.79 4.42
N LYS M 16 -18.88 26.56 3.33
CA LYS M 16 -17.81 27.44 2.87
C LYS M 16 -17.96 28.84 3.52
N LEU N 8 -25.25 -10.35 0.71
CA LEU N 8 -24.30 -10.45 1.84
C LEU N 8 -22.89 -10.81 1.35
N PRO N 9 -21.88 -10.03 1.77
CA PRO N 9 -20.49 -10.37 1.43
C PRO N 9 -19.98 -11.56 2.24
N GLU N 10 -19.01 -12.28 1.68
CA GLU N 10 -18.51 -13.47 2.37
C GLU N 10 -17.53 -13.10 3.48
N ILE N 11 -17.47 -13.96 4.49
CA ILE N 11 -16.58 -13.78 5.62
C ILE N 11 -15.26 -14.50 5.30
N PRO N 12 -14.11 -13.88 5.65
CA PRO N 12 -12.83 -14.55 5.44
C PRO N 12 -12.55 -15.62 6.49
N LYS O 7 -16.76 -15.63 -10.15
CA LYS O 7 -17.57 -16.84 -10.51
C LYS O 7 -17.73 -16.96 -12.02
N LEU O 8 -17.79 -18.20 -12.49
CA LEU O 8 -17.85 -18.55 -13.91
C LEU O 8 -19.29 -18.54 -14.41
N PRO O 9 -19.50 -18.11 -15.66
CA PRO O 9 -20.85 -18.06 -16.21
C PRO O 9 -21.33 -19.42 -16.69
N GLU O 10 -22.61 -19.70 -16.52
CA GLU O 10 -23.21 -20.91 -17.09
C GLU O 10 -23.21 -20.84 -18.61
N ILE O 11 -23.17 -21.99 -19.26
CA ILE O 11 -23.32 -22.09 -20.70
C ILE O 11 -24.80 -22.40 -20.96
N PRO O 12 -25.46 -21.59 -21.80
CA PRO O 12 -26.89 -21.79 -22.01
C PRO O 12 -27.22 -23.03 -22.84
N LYS O 13 -28.06 -23.90 -22.26
CA LYS O 13 -28.52 -25.14 -22.91
C LYS O 13 -28.82 -24.95 -24.39
N ASN O 14 -29.44 -23.81 -24.70
CA ASN O 14 -29.90 -23.53 -26.05
C ASN O 14 -28.77 -23.24 -27.05
N LYS O 15 -27.54 -23.04 -26.56
CA LYS O 15 -26.35 -22.96 -27.43
C LYS O 15 -25.49 -24.25 -27.41
N LYS O 16 -25.82 -25.23 -26.56
CA LYS O 16 -25.14 -26.53 -26.55
C LYS O 16 -25.58 -27.38 -27.73
N ARG P 5 -29.89 10.67 -15.99
CA ARG P 5 -29.76 11.93 -16.78
C ARG P 5 -30.50 11.80 -18.13
N ARG P 6 -30.04 10.96 -19.07
CA ARG P 6 -28.67 10.40 -19.12
C ARG P 6 -27.78 11.34 -19.95
N LYS P 7 -26.50 11.34 -19.63
CA LYS P 7 -25.55 12.31 -20.15
C LYS P 7 -24.80 11.84 -21.40
N LEU P 8 -24.60 12.76 -22.34
CA LEU P 8 -23.85 12.47 -23.56
C LEU P 8 -22.34 12.47 -23.27
N PRO P 9 -21.59 11.58 -23.94
CA PRO P 9 -20.15 11.55 -23.72
C PRO P 9 -19.46 12.59 -24.57
N GLU P 10 -18.26 13.00 -24.18
CA GLU P 10 -17.59 14.11 -24.86
C GLU P 10 -16.99 13.71 -26.21
N ILE P 11 -16.64 14.73 -26.98
CA ILE P 11 -16.01 14.60 -28.30
C ILE P 11 -14.82 15.56 -28.16
N PRO P 12 -13.92 15.67 -29.16
CA PRO P 12 -12.60 16.19 -28.76
C PRO P 12 -12.63 17.54 -28.05
N ARG Q 4 -11.83 10.31 50.52
CA ARG Q 4 -12.67 11.02 49.49
C ARG Q 4 -13.09 10.09 48.37
N ARG Q 5 -14.38 9.74 48.33
CA ARG Q 5 -14.94 8.82 47.34
C ARG Q 5 -15.38 9.56 46.07
N ARG Q 6 -15.08 8.98 44.91
CA ARG Q 6 -15.35 9.63 43.63
C ARG Q 6 -16.78 9.38 43.13
N LYS Q 7 -17.48 10.46 42.82
CA LYS Q 7 -18.86 10.41 42.37
C LYS Q 7 -18.95 10.23 40.87
N LEU Q 8 -19.95 9.46 40.45
CA LEU Q 8 -20.23 9.25 39.04
C LEU Q 8 -20.92 10.46 38.43
N PRO Q 9 -20.62 10.77 37.16
CA PRO Q 9 -21.31 11.87 36.48
C PRO Q 9 -22.73 11.50 36.07
N GLU Q 10 -23.55 12.53 35.89
CA GLU Q 10 -24.90 12.37 35.36
C GLU Q 10 -24.86 12.18 33.85
N ILE Q 11 -25.68 11.25 33.35
CA ILE Q 11 -25.87 11.09 31.92
C ILE Q 11 -26.68 12.29 31.45
N PRO Q 12 -26.15 13.08 30.49
CA PRO Q 12 -26.87 14.24 30.01
C PRO Q 12 -28.26 13.85 29.47
N LYS Q 13 -29.30 14.53 29.97
CA LYS Q 13 -30.68 14.17 29.65
C LYS Q 13 -31.01 14.44 28.18
N ASN Q 14 -30.46 15.53 27.63
CA ASN Q 14 -30.67 15.87 26.22
C ASN Q 14 -29.93 14.94 25.25
N LYS Q 15 -29.07 14.07 25.76
CA LYS Q 15 -28.36 13.10 24.93
C LYS Q 15 -28.94 11.67 25.08
N LYS Q 16 -29.80 11.45 26.08
CA LYS Q 16 -30.45 10.14 26.25
C LYS Q 16 -31.47 9.82 25.17
N ARG R 6 -1.02 33.54 31.67
CA ARG R 6 -0.76 32.13 31.28
C ARG R 6 0.68 31.96 30.79
N LYS R 7 1.33 30.88 31.25
CA LYS R 7 2.67 30.51 30.83
C LYS R 7 2.62 29.57 29.64
N LEU R 8 3.49 29.82 28.65
CA LEU R 8 3.78 28.85 27.61
C LEU R 8 4.55 27.64 28.17
N PRO R 9 4.23 26.41 27.72
CA PRO R 9 5.01 25.25 28.12
C PRO R 9 6.33 25.12 27.34
N GLU R 10 7.15 24.15 27.74
CA GLU R 10 8.46 23.92 27.12
C GLU R 10 8.33 22.96 25.94
N ILE R 11 9.24 23.08 24.98
CA ILE R 11 9.15 22.36 23.71
C ILE R 11 10.31 21.36 23.57
N PRO R 12 10.04 20.17 22.98
CA PRO R 12 11.10 19.21 22.70
C PRO R 12 12.24 19.75 21.83
N ARG S 4 18.57 -1.67 48.29
CA ARG S 4 19.26 -2.48 47.24
C ARG S 4 19.49 -1.67 45.98
N ARG S 5 20.74 -1.37 45.70
CA ARG S 5 21.12 -0.67 44.47
C ARG S 5 21.06 -1.64 43.30
N ARG S 6 20.72 -1.12 42.12
CA ARG S 6 20.77 -1.88 40.88
C ARG S 6 22.18 -1.83 40.28
N LYS S 7 22.73 -3.02 40.03
CA LYS S 7 24.09 -3.18 39.52
C LYS S 7 24.10 -3.20 37.99
N LEU S 8 25.11 -2.54 37.39
CA LEU S 8 25.29 -2.53 35.93
C LEU S 8 25.89 -3.85 35.45
N PRO S 9 25.50 -4.30 34.26
CA PRO S 9 26.07 -5.54 33.71
C PRO S 9 27.49 -5.33 33.17
N GLU S 10 28.23 -6.42 33.08
CA GLU S 10 29.53 -6.42 32.43
C GLU S 10 29.38 -6.49 30.92
N ILE S 11 30.18 -5.71 30.19
CA ILE S 11 30.18 -5.76 28.74
C ILE S 11 30.88 -7.06 28.32
N PRO S 12 30.17 -7.94 27.57
CA PRO S 12 30.79 -9.20 27.13
C PRO S 12 32.08 -8.97 26.34
N LYS S 13 33.15 -9.63 26.75
CA LYS S 13 34.49 -9.42 26.17
C LYS S 13 34.56 -9.88 24.72
N ASN S 14 33.89 -10.99 24.40
CA ASN S 14 33.85 -11.50 23.03
C ASN S 14 33.00 -10.67 22.07
N LYS S 15 32.26 -9.69 22.60
CA LYS S 15 31.47 -8.78 21.78
C LYS S 15 32.08 -7.37 21.70
N LYS S 16 33.04 -7.10 22.58
CA LYS S 16 33.68 -5.83 22.72
C LYS S 16 34.93 -5.85 21.88
N ARG T 5 7.37 -30.45 35.93
CA ARG T 5 6.02 -30.05 35.44
C ARG T 5 5.86 -28.54 35.40
N ARG T 6 4.96 -28.06 34.55
CA ARG T 6 4.68 -26.63 34.44
C ARG T 6 3.30 -26.33 33.84
N LYS T 7 2.61 -25.38 34.45
CA LYS T 7 1.23 -25.03 34.11
C LYS T 7 1.12 -24.28 32.78
N LEU T 8 0.05 -24.56 32.04
CA LEU T 8 -0.28 -23.85 30.81
C LEU T 8 -1.08 -22.58 31.15
N PRO T 9 -0.84 -21.46 30.43
CA PRO T 9 -1.55 -20.22 30.70
C PRO T 9 -3.09 -20.33 30.67
N ARG U 5 13.92 11.78 -8.89
CA ARG U 5 13.15 12.57 -9.89
C ARG U 5 13.69 12.34 -11.30
N ARG U 6 12.80 12.06 -12.24
CA ARG U 6 13.19 11.56 -13.57
C ARG U 6 13.54 12.74 -14.51
N LYS U 7 14.76 12.70 -15.04
CA LYS U 7 15.35 13.83 -15.74
C LYS U 7 15.15 13.78 -17.24
N LEU U 8 14.92 14.95 -17.82
CA LEU U 8 14.83 15.08 -19.27
C LEU U 8 16.20 14.98 -19.93
N PRO U 9 16.26 14.36 -21.11
CA PRO U 9 17.53 14.30 -21.83
C PRO U 9 17.91 15.63 -22.49
N GLU U 10 19.20 15.78 -22.77
CA GLU U 10 19.70 16.91 -23.53
C GLU U 10 19.46 16.70 -25.01
N ILE U 11 19.05 17.78 -25.70
CA ILE U 11 18.95 17.74 -27.16
C ILE U 11 20.38 17.75 -27.70
N PRO U 12 20.76 16.72 -28.48
CA PRO U 12 22.12 16.69 -29.01
C PRO U 12 22.43 17.96 -29.83
N LYS U 13 23.55 18.62 -29.49
CA LYS U 13 23.89 19.91 -30.10
C LYS U 13 24.24 19.79 -31.55
N ASN U 14 24.90 18.69 -31.91
CA ASN U 14 25.25 18.44 -33.30
C ASN U 14 24.06 18.07 -34.20
N LYS U 15 22.87 17.85 -33.61
CA LYS U 15 21.62 17.66 -34.39
C LYS U 15 20.85 18.95 -34.57
N LYS U 16 21.05 19.88 -33.65
CA LYS U 16 20.24 21.11 -33.66
C LYS U 16 20.54 22.00 -34.85
N ARG V 5 28.49 -13.38 -22.22
CA ARG V 5 28.00 -14.78 -22.31
C ARG V 5 26.46 -14.85 -22.33
N ARG V 6 25.87 -14.30 -23.40
CA ARG V 6 24.42 -14.29 -23.61
C ARG V 6 23.89 -15.61 -24.13
N LYS V 7 22.68 -15.98 -23.69
CA LYS V 7 21.94 -17.10 -24.29
C LYS V 7 20.82 -16.66 -25.22
N LEU V 8 20.43 -17.56 -26.12
CA LEU V 8 19.31 -17.34 -27.02
C LEU V 8 17.96 -17.35 -26.29
N PRO V 9 17.03 -16.44 -26.67
CA PRO V 9 15.71 -16.55 -26.09
C PRO V 9 14.94 -17.72 -26.70
N GLU V 10 14.07 -18.34 -25.88
CA GLU V 10 13.12 -19.33 -26.37
C GLU V 10 12.18 -18.69 -27.40
N ILE V 11 11.63 -19.51 -28.28
CA ILE V 11 10.69 -19.04 -29.29
C ILE V 11 9.25 -19.35 -28.84
N ARG W 5 9.37 -16.35 -19.10
CA ARG W 5 8.95 -17.15 -17.91
C ARG W 5 9.92 -16.99 -16.75
N ARG W 6 9.38 -16.80 -15.55
CA ARG W 6 10.20 -16.60 -14.36
C ARG W 6 10.64 -17.93 -13.73
N LYS W 7 11.95 -18.06 -13.50
CA LYS W 7 12.56 -19.28 -12.98
C LYS W 7 12.61 -19.25 -11.44
N LEU W 8 12.31 -20.39 -10.83
CA LEU W 8 12.37 -20.51 -9.36
C LEU W 8 13.81 -20.61 -8.89
N PRO W 9 14.10 -20.03 -7.72
CA PRO W 9 15.46 -20.16 -7.16
C PRO W 9 15.72 -21.55 -6.59
N GLU W 10 17.00 -21.90 -6.48
CA GLU W 10 17.43 -23.12 -5.79
C GLU W 10 17.39 -22.89 -4.29
N ILE W 11 16.87 -23.87 -3.53
CA ILE W 11 16.98 -23.84 -2.09
C ILE W 11 18.45 -24.14 -1.76
N PRO W 12 19.13 -23.23 -1.05
CA PRO W 12 20.53 -23.47 -0.70
C PRO W 12 20.71 -24.78 0.06
N LYS W 13 21.62 -25.64 -0.43
CA LYS W 13 21.81 -26.99 0.12
C LYS W 13 22.38 -26.95 1.53
N ASN W 14 23.28 -26.01 1.78
CA ASN W 14 23.88 -25.86 3.11
C ASN W 14 22.93 -25.29 4.16
N LYS W 15 21.75 -24.85 3.73
CA LYS W 15 20.73 -24.35 4.64
C LYS W 15 19.59 -25.37 4.87
N LYS W 16 19.53 -26.40 4.03
CA LYS W 16 18.51 -27.47 4.18
C LYS W 16 18.76 -28.40 5.36
N ARG X 5 32.11 6.85 -10.86
CA ARG X 5 31.64 6.89 -9.45
C ARG X 5 30.15 6.55 -9.37
N ARG X 6 29.60 6.57 -8.15
CA ARG X 6 28.15 6.52 -7.95
C ARG X 6 27.69 7.77 -7.23
N LYS X 7 26.47 8.21 -7.52
CA LYS X 7 25.94 9.44 -6.95
C LYS X 7 25.02 9.11 -5.77
N LEU X 8 24.85 10.08 -4.89
CA LEU X 8 23.93 9.97 -3.77
C LEU X 8 22.47 10.08 -4.26
N PRO X 9 21.52 9.59 -3.46
CA PRO X 9 20.12 9.82 -3.79
C PRO X 9 19.64 11.15 -3.19
N GLU X 10 18.82 11.88 -3.94
CA GLU X 10 18.23 13.11 -3.40
C GLU X 10 17.28 12.78 -2.24
N ILE X 11 17.07 13.76 -1.38
CA ILE X 11 16.19 13.61 -0.22
C ILE X 11 14.74 13.77 -0.66
#